data_6O7B
#
_entry.id   6O7B
#
_cell.length_a   156.578
_cell.length_b   156.578
_cell.length_c   187.087
_cell.angle_alpha   90.00
_cell.angle_beta   90.00
_cell.angle_gamma   120.00
#
_symmetry.space_group_name_H-M   'P 65 2 2'
#
loop_
_entity.id
_entity.type
_entity.pdbx_description
1 polymer 'CRISPR system single-strand-specific deoxyribonuclease Cas10/Csm1 (subtype III-A)'
2 polymer Csm4
3 polymer 'Cyclic RNA cA4'
4 water water
#
loop_
_entity_poly.entity_id
_entity_poly.type
_entity_poly.pdbx_seq_one_letter_code
_entity_poly.pdbx_strand_id
1 'polypeptide(L)'
;MGSSHHHHHHSQDPMEIDELTALGGLLHDIGKPVQRAGLYSGDHSTQGARFLRDLAENTGRAEYELLSLFSEFHHKGHMK
NDELMIRRIKELSPERFGLTMEDVLNALWIVYEADNLASGEREEGQPQASRPLYSVFNPGKAYPWAELDFEKELPVPGDV
FSIRSQDYRELVKRLWEELSKAKLRSDRLLPVLEKYLTFVSSVTSEGNIISLYDHMRMTSAIALAMLRAGCTAEDVRSGR
CRKEKRFLLIEGDFSGIQDFIYRVSGKGTLKYLRARSAYLELIGWDVVLEILSRLGLTRANVVFNAGGHFMIIAQNTPDA
VKELEEIRAKAVEWLYREFESDLYLAIEWEPVSGREFGREGGKNLFAEARKRLKHKLTVRKLKRFGEIKGLFEHGHTERL
AECPVCGRELPEGKLEPSASDPETKVCPTCNRLVSLGGNLPKLLGFGRTAKNDAGVLVEGPFSGFVPYLQGGRPVGEQIL
VKNTLNPGEIPESAQFVPYFVADYFKKDPKGGVATFEELSMASTGTRRLGVMKGDVDRLGEFFSSMDSPSKLATASRFMD
YFFKGYIGAIIEGKFGYIIGDVPSLRDWPEEPDIVVVYAGGDAFFIVGAWDQIFELAFRVRRAFNAYTGGKLTLSVGLGY
FDERTPIYRMADVVSERLDTAKDEGRNRVFVVGRSRPLDGKHKLSYEWNHYEELWRTYAPRIYAGNGRLKGKLESKKGLL
WKLLEIRELYVRDPNDVRWAYLTAYLLGRHGLSDLFPELVGIDTKAVERKEPQPVYWVDGVLKIVLMAVRR
;
A
2 'polypeptide(L)'
;MPKFIAVKLIPKGPFRDIPRADTLFGAIGNAISAIHGQSAVEELVDAFVGGARISSAFPYSGDTYYLPKPLSVEPALEGI
LTGLDEEERYTTAKRLRKAKYLDLKNFELALRLRPFTIPEEIPYARVDVPRVVLDRVTQDSSIYFWEEIRFREKSGVYFL
YSGPREVFDGYIAPAMRFLGDTGIGGKSTWGAGLFEVEFHEMKIDAPGSEYSVTLSNALPTKTPVLWRLLRKGGWSFGRR
KPRMTFIAEGSIVKNDPGGMERLELGLSHEVYVYGLTFPLGVELPEGLE
;
B
3 'polyribonucleotide' AAAA C,D
#
loop_
_chem_comp.id
_chem_comp.type
_chem_comp.name
_chem_comp.formula
A RNA linking ADENOSINE-5'-MONOPHOSPHATE 'C10 H14 N5 O7 P'
#
# COMPACT_ATOMS: atom_id res chain seq x y z
N MET A 15 -19.65 28.70 -20.43
CA MET A 15 -19.09 27.44 -21.00
C MET A 15 -17.79 27.73 -21.76
N GLU A 16 -17.07 26.68 -22.14
CA GLU A 16 -16.02 26.63 -23.18
C GLU A 16 -15.92 25.17 -23.64
N ILE A 17 -15.24 24.90 -24.75
CA ILE A 17 -15.23 23.55 -25.41
C ILE A 17 -14.80 22.50 -24.38
N ASP A 18 -13.84 22.85 -23.52
CA ASP A 18 -13.28 22.00 -22.43
C ASP A 18 -14.41 21.59 -21.48
N GLU A 19 -14.96 22.55 -20.73
CA GLU A 19 -16.12 22.35 -19.80
C GLU A 19 -17.24 21.59 -20.52
N LEU A 20 -17.50 21.91 -21.79
CA LEU A 20 -18.59 21.28 -22.59
C LEU A 20 -18.32 19.79 -22.78
N THR A 21 -17.14 19.44 -23.30
CA THR A 21 -16.75 18.04 -23.64
C THR A 21 -16.76 17.17 -22.37
N ALA A 22 -16.36 17.75 -21.24
CA ALA A 22 -16.29 17.09 -19.92
C ALA A 22 -17.72 16.83 -19.41
N LEU A 23 -18.55 17.87 -19.38
CA LEU A 23 -19.97 17.78 -18.90
C LEU A 23 -20.77 16.86 -19.83
N GLY A 24 -20.49 16.89 -21.13
CA GLY A 24 -21.16 16.04 -22.13
C GLY A 24 -20.77 14.59 -21.96
N GLY A 25 -19.47 14.31 -21.79
CA GLY A 25 -18.97 12.97 -21.42
C GLY A 25 -19.75 12.42 -20.25
N LEU A 26 -19.85 13.21 -19.19
CA LEU A 26 -20.61 12.92 -17.94
C LEU A 26 -22.07 12.59 -18.26
N LEU A 27 -22.75 13.43 -19.05
CA LEU A 27 -24.24 13.42 -19.19
C LEU A 27 -24.68 12.62 -20.42
N HIS A 28 -23.73 12.09 -21.21
CA HIS A 28 -24.02 11.29 -22.44
C HIS A 28 -25.09 10.22 -22.14
N ASP A 29 -25.00 9.56 -20.98
CA ASP A 29 -25.78 8.33 -20.67
C ASP A 29 -26.85 8.61 -19.61
N ILE A 30 -27.16 9.88 -19.31
CA ILE A 30 -28.21 10.21 -18.30
C ILE A 30 -29.56 9.66 -18.78
N GLY A 31 -29.68 9.36 -20.08
CA GLY A 31 -30.85 8.69 -20.68
C GLY A 31 -31.16 7.35 -20.02
N LYS A 32 -30.14 6.58 -19.63
CA LYS A 32 -30.31 5.19 -19.16
C LYS A 32 -31.28 5.15 -17.98
N PRO A 33 -31.07 5.92 -16.88
CA PRO A 33 -32.02 5.91 -15.77
C PRO A 33 -33.43 6.41 -16.10
N VAL A 34 -33.62 7.22 -17.16
CA VAL A 34 -34.95 7.81 -17.52
C VAL A 34 -35.76 6.82 -18.37
N GLN A 35 -35.12 6.04 -19.27
CA GLN A 35 -35.79 4.96 -20.05
C GLN A 35 -36.26 3.86 -19.09
N ARG A 36 -35.52 3.61 -18.00
CA ARG A 36 -35.79 2.52 -17.02
C ARG A 36 -36.74 3.03 -15.93
N ALA A 37 -37.00 4.34 -15.88
CA ALA A 37 -38.03 4.98 -15.02
C ALA A 37 -39.35 5.10 -15.80
N GLY A 38 -39.34 4.78 -17.10
CA GLY A 38 -40.50 4.88 -18.00
C GLY A 38 -41.14 6.26 -17.93
N LEU A 39 -40.42 7.28 -18.39
CA LEU A 39 -40.85 8.71 -18.32
C LEU A 39 -41.23 9.23 -19.72
N TYR A 40 -40.70 8.66 -20.81
CA TYR A 40 -40.82 9.22 -22.18
C TYR A 40 -40.76 8.13 -23.27
N SER A 41 -41.26 6.92 -23.02
CA SER A 41 -41.59 5.89 -24.05
C SER A 41 -40.37 5.41 -24.85
N GLY A 42 -39.56 6.31 -25.41
CA GLY A 42 -38.44 6.00 -26.34
C GLY A 42 -37.26 5.30 -25.67
N ASP A 43 -36.18 5.08 -26.42
CA ASP A 43 -34.90 4.45 -25.96
C ASP A 43 -34.11 5.51 -25.16
N HIS A 44 -33.00 5.09 -24.53
CA HIS A 44 -32.22 5.92 -23.56
C HIS A 44 -31.73 7.21 -24.24
N SER A 45 -31.23 7.11 -25.47
CA SER A 45 -30.69 8.22 -26.28
C SER A 45 -31.68 9.40 -26.35
N THR A 46 -32.89 9.17 -26.84
CA THR A 46 -33.94 10.21 -27.07
C THR A 46 -34.49 10.66 -25.71
N GLN A 47 -34.68 9.70 -24.80
CA GLN A 47 -35.29 9.93 -23.47
C GLN A 47 -34.35 10.83 -22.64
N GLY A 48 -33.04 10.68 -22.81
CA GLY A 48 -32.00 11.52 -22.20
C GLY A 48 -32.05 12.94 -22.72
N ALA A 49 -32.12 13.10 -24.06
CA ALA A 49 -32.31 14.41 -24.71
C ALA A 49 -33.55 15.09 -24.12
N ARG A 50 -34.67 14.37 -24.07
CA ARG A 50 -35.98 14.89 -23.58
C ARG A 50 -35.84 15.35 -22.12
N PHE A 51 -35.16 14.57 -21.27
CA PHE A 51 -35.00 14.87 -19.82
C PHE A 51 -34.25 16.20 -19.63
N LEU A 52 -33.14 16.40 -20.35
CA LEU A 52 -32.28 17.61 -20.21
C LEU A 52 -32.96 18.82 -20.87
N ARG A 53 -33.63 18.64 -22.01
CA ARG A 53 -34.44 19.69 -22.67
C ARG A 53 -35.56 20.12 -21.71
N ASP A 54 -36.29 19.15 -21.14
CA ASP A 54 -37.36 19.40 -20.13
C ASP A 54 -36.74 20.14 -18.94
N LEU A 55 -35.53 19.76 -18.52
CA LEU A 55 -34.82 20.32 -17.35
C LEU A 55 -34.35 21.75 -17.64
N ALA A 56 -33.81 21.99 -18.84
CA ALA A 56 -33.39 23.33 -19.33
C ALA A 56 -34.56 24.32 -19.27
N GLU A 57 -35.75 23.91 -19.72
CA GLU A 57 -36.96 24.79 -19.83
C GLU A 57 -37.51 25.06 -18.43
N ASN A 58 -37.46 24.06 -17.55
CA ASN A 58 -37.57 24.25 -16.07
C ASN A 58 -36.33 25.04 -15.63
N THR A 59 -36.37 25.73 -14.48
CA THR A 59 -35.24 26.56 -13.95
C THR A 59 -34.88 27.67 -14.93
N GLY A 60 -34.50 27.31 -16.17
CA GLY A 60 -34.24 28.23 -17.29
C GLY A 60 -32.79 28.23 -17.73
N ARG A 61 -32.04 27.16 -17.46
CA ARG A 61 -30.59 27.02 -17.77
C ARG A 61 -30.46 26.42 -19.17
N ALA A 62 -30.06 27.23 -20.15
CA ALA A 62 -30.05 26.88 -21.60
C ALA A 62 -28.97 25.84 -21.91
N GLU A 63 -27.93 25.78 -21.07
CA GLU A 63 -26.77 24.87 -21.23
C GLU A 63 -27.24 23.41 -21.24
N TYR A 64 -28.29 23.08 -20.47
CA TYR A 64 -28.85 21.70 -20.38
C TYR A 64 -29.42 21.27 -21.74
N GLU A 65 -29.96 22.20 -22.53
CA GLU A 65 -30.44 21.92 -23.91
C GLU A 65 -29.23 21.72 -24.84
N LEU A 66 -28.16 22.50 -24.65
CA LEU A 66 -26.89 22.31 -25.39
C LEU A 66 -26.29 20.95 -25.02
N LEU A 67 -26.30 20.60 -23.73
CA LEU A 67 -25.78 19.32 -23.19
C LEU A 67 -26.73 18.17 -23.56
N SER A 68 -28.03 18.46 -23.77
CA SER A 68 -29.06 17.48 -24.21
C SER A 68 -28.64 16.80 -25.52
N LEU A 69 -27.87 17.49 -26.37
CA LEU A 69 -27.48 17.02 -27.73
C LEU A 69 -26.64 15.75 -27.66
N PHE A 70 -25.97 15.49 -26.53
CA PHE A 70 -24.94 14.43 -26.40
C PHE A 70 -25.60 13.05 -26.37
N SER A 71 -26.73 12.87 -25.66
CA SER A 71 -27.42 11.56 -25.53
C SER A 71 -27.97 11.07 -26.87
N GLU A 72 -28.18 11.96 -27.85
CA GLU A 72 -28.66 11.60 -29.22
C GLU A 72 -27.50 10.98 -30.02
N ASN A 81 -26.62 11.99 -42.04
CA ASN A 81 -25.14 12.14 -42.00
C ASN A 81 -24.79 13.54 -41.44
N ASP A 82 -25.36 13.89 -40.29
CA ASP A 82 -25.02 15.06 -39.42
C ASP A 82 -25.86 16.30 -39.78
N GLU A 83 -26.47 16.34 -40.98
CA GLU A 83 -27.16 17.54 -41.54
C GLU A 83 -28.22 18.03 -40.54
N LEU A 84 -29.10 17.14 -40.09
CA LEU A 84 -30.13 17.42 -39.05
C LEU A 84 -29.46 18.07 -37.84
N MET A 85 -28.49 17.38 -37.23
CA MET A 85 -27.74 17.83 -36.02
C MET A 85 -27.09 19.20 -36.29
N ILE A 86 -26.51 19.42 -37.48
CA ILE A 86 -25.84 20.71 -37.84
C ILE A 86 -26.85 21.84 -37.65
N ARG A 87 -28.12 21.62 -38.01
CA ARG A 87 -29.21 22.62 -37.96
C ARG A 87 -29.73 22.75 -36.52
N ARG A 88 -29.85 21.64 -35.78
CA ARG A 88 -30.19 21.65 -34.33
C ARG A 88 -29.14 22.47 -33.57
N ILE A 89 -27.86 22.29 -33.92
CA ILE A 89 -26.73 23.03 -33.27
C ILE A 89 -26.85 24.52 -33.58
N LYS A 90 -27.31 24.89 -34.79
CA LYS A 90 -27.46 26.31 -35.22
C LYS A 90 -28.66 26.95 -34.51
N GLU A 91 -29.74 26.19 -34.35
CA GLU A 91 -30.95 26.72 -33.68
C GLU A 91 -30.53 27.16 -32.28
N LEU A 92 -29.62 26.40 -31.66
CA LEU A 92 -29.16 26.72 -30.28
C LEU A 92 -28.26 27.96 -30.21
N SER A 93 -27.68 28.42 -31.33
CA SER A 93 -26.84 29.64 -31.37
C SER A 93 -25.63 29.55 -30.43
N PRO A 94 -24.62 28.75 -30.82
CA PRO A 94 -23.40 28.51 -30.05
C PRO A 94 -22.77 29.78 -29.47
N GLU A 95 -22.81 30.89 -30.20
CA GLU A 95 -22.22 32.21 -29.82
C GLU A 95 -22.69 32.63 -28.42
N ARG A 96 -23.94 32.32 -28.09
CA ARG A 96 -24.59 32.61 -26.77
C ARG A 96 -23.73 32.05 -25.63
N PHE A 97 -23.02 30.94 -25.86
CA PHE A 97 -22.21 30.20 -24.86
C PHE A 97 -20.71 30.42 -25.09
N GLY A 98 -20.34 31.21 -26.11
CA GLY A 98 -18.95 31.46 -26.51
C GLY A 98 -18.32 30.23 -27.15
N LEU A 99 -19.09 29.53 -28.01
CA LEU A 99 -18.63 28.35 -28.79
C LEU A 99 -18.86 28.63 -30.28
N THR A 100 -18.08 27.97 -31.15
CA THR A 100 -18.32 27.88 -32.61
C THR A 100 -19.31 26.73 -32.84
N MET A 101 -19.95 26.70 -34.02
CA MET A 101 -20.73 25.53 -34.49
C MET A 101 -19.80 24.33 -34.60
N GLU A 102 -18.60 24.58 -35.12
CA GLU A 102 -17.55 23.55 -35.34
C GLU A 102 -17.09 22.99 -34.00
N ASP A 103 -17.01 23.83 -32.97
CA ASP A 103 -16.53 23.31 -31.66
C ASP A 103 -17.50 22.25 -31.16
N VAL A 104 -18.80 22.53 -31.28
CA VAL A 104 -19.86 21.61 -30.79
C VAL A 104 -19.84 20.30 -31.58
N LEU A 105 -19.58 20.34 -32.88
CA LEU A 105 -19.58 19.07 -33.64
C LEU A 105 -18.48 18.17 -33.07
N ASN A 106 -17.30 18.71 -32.81
CA ASN A 106 -16.15 17.96 -32.26
C ASN A 106 -16.55 17.35 -30.92
N ALA A 107 -16.94 18.18 -29.95
CA ALA A 107 -17.41 17.73 -28.62
C ALA A 107 -18.28 16.48 -28.78
N LEU A 108 -19.26 16.52 -29.68
CA LEU A 108 -20.26 15.44 -29.90
C LEU A 108 -19.58 14.19 -30.48
N TRP A 109 -18.73 14.35 -31.48
CA TRP A 109 -17.98 13.22 -32.11
C TRP A 109 -16.97 12.65 -31.10
N ILE A 110 -16.26 13.53 -30.39
CA ILE A 110 -15.29 13.16 -29.31
C ILE A 110 -16.01 12.30 -28.26
N VAL A 111 -17.07 12.84 -27.62
CA VAL A 111 -17.80 12.16 -26.52
C VAL A 111 -18.38 10.82 -27.03
N TYR A 112 -18.79 10.76 -28.30
CA TYR A 112 -19.32 9.53 -28.94
C TYR A 112 -18.23 8.45 -28.97
N GLU A 113 -17.00 8.84 -29.31
CA GLU A 113 -15.83 7.92 -29.36
C GLU A 113 -15.43 7.56 -27.93
N ALA A 114 -15.33 8.56 -27.05
CA ALA A 114 -15.02 8.42 -25.61
C ALA A 114 -15.96 7.40 -24.96
N ASP A 115 -17.22 7.36 -25.39
CA ASP A 115 -18.24 6.44 -24.83
C ASP A 115 -17.93 5.00 -25.23
N ASN A 116 -17.43 4.77 -26.45
CA ASN A 116 -17.06 3.41 -26.95
C ASN A 116 -15.83 2.91 -26.19
N LEU A 117 -14.81 3.76 -26.02
CA LEU A 117 -13.47 3.39 -25.49
C LEU A 117 -13.55 3.13 -23.99
N ALA A 118 -14.35 3.90 -23.26
CA ALA A 118 -14.57 3.77 -21.80
C ALA A 118 -15.10 2.37 -21.48
N SER A 119 -15.83 1.74 -22.42
CA SER A 119 -16.53 0.44 -22.25
C SER A 119 -15.50 -0.68 -22.09
N PRO A 127 -30.66 -8.26 -22.86
CA PRO A 127 -30.82 -6.88 -22.37
C PRO A 127 -32.29 -6.49 -22.09
N GLN A 128 -32.73 -6.70 -20.84
CA GLN A 128 -33.99 -6.15 -20.27
C GLN A 128 -33.69 -4.76 -19.68
N ALA A 129 -34.48 -4.29 -18.73
CA ALA A 129 -34.29 -2.99 -18.03
C ALA A 129 -34.74 -3.07 -16.55
N SER A 130 -34.93 -4.29 -16.03
CA SER A 130 -35.17 -4.58 -14.59
C SER A 130 -33.85 -5.01 -13.93
N ARG A 131 -32.80 -5.22 -14.74
CA ARG A 131 -31.53 -5.86 -14.33
C ARG A 131 -30.72 -4.93 -13.43
N PRO A 132 -30.29 -5.42 -12.25
CA PRO A 132 -29.44 -4.65 -11.35
C PRO A 132 -27.96 -4.71 -11.77
N LEU A 133 -27.13 -3.88 -11.14
CA LEU A 133 -25.66 -3.98 -11.17
C LEU A 133 -25.23 -5.33 -10.57
N TYR A 134 -24.46 -6.12 -11.31
CA TYR A 134 -23.81 -7.37 -10.81
C TYR A 134 -22.47 -6.96 -10.17
N SER A 135 -22.03 -7.67 -9.13
CA SER A 135 -20.82 -7.30 -8.33
C SER A 135 -19.54 -7.65 -9.10
N VAL A 136 -18.66 -6.65 -9.24
CA VAL A 136 -17.27 -6.76 -9.79
C VAL A 136 -16.45 -7.81 -9.01
N PHE A 137 -16.83 -8.07 -7.75
CA PHE A 137 -16.16 -9.07 -6.88
C PHE A 137 -16.65 -10.48 -7.24
N ASN A 138 -17.93 -10.59 -7.61
CA ASN A 138 -18.59 -11.89 -7.93
C ASN A 138 -19.74 -11.63 -8.91
N PRO A 139 -19.53 -11.80 -10.24
CA PRO A 139 -20.54 -11.46 -11.24
C PRO A 139 -21.84 -12.29 -11.20
N GLY A 140 -21.85 -13.39 -10.44
CA GLY A 140 -23.05 -14.23 -10.22
C GLY A 140 -24.02 -13.60 -9.22
N LYS A 141 -23.61 -12.54 -8.54
CA LYS A 141 -24.43 -11.87 -7.48
C LYS A 141 -24.61 -10.39 -7.83
N ALA A 142 -25.69 -9.79 -7.34
CA ALA A 142 -26.17 -8.45 -7.74
C ALA A 142 -26.42 -7.57 -6.51
N TYR A 143 -26.40 -6.25 -6.71
CA TYR A 143 -26.64 -5.24 -5.66
C TYR A 143 -28.12 -4.87 -5.66
N PRO A 144 -28.77 -4.77 -4.48
CA PRO A 144 -30.08 -4.13 -4.38
C PRO A 144 -29.90 -2.65 -4.74
N TRP A 145 -30.91 -2.00 -5.33
CA TRP A 145 -30.85 -0.54 -5.59
C TRP A 145 -30.80 0.19 -4.25
N ALA A 146 -29.77 1.03 -4.07
CA ALA A 146 -29.62 2.01 -2.97
C ALA A 146 -28.75 3.13 -3.49
N GLU A 147 -28.83 4.31 -2.89
CA GLU A 147 -27.86 5.40 -3.13
C GLU A 147 -26.65 5.17 -2.22
N LEU A 148 -25.45 5.54 -2.68
CA LEU A 148 -24.20 5.48 -1.88
C LEU A 148 -24.44 6.25 -0.57
N ASP A 149 -24.49 5.53 0.55
CA ASP A 149 -24.68 6.11 1.91
C ASP A 149 -23.93 5.25 2.93
N PHE A 150 -22.85 5.79 3.48
CA PHE A 150 -21.95 5.11 4.44
C PHE A 150 -22.64 4.98 5.81
N GLU A 151 -23.61 5.84 6.09
CA GLU A 151 -24.37 5.86 7.36
C GLU A 151 -25.43 4.73 7.35
N LYS A 152 -25.86 4.28 6.16
CA LYS A 152 -26.91 3.24 6.00
C LYS A 152 -26.24 1.86 5.86
N GLU A 153 -26.87 0.93 5.14
CA GLU A 153 -26.59 -0.52 5.18
C GLU A 153 -25.36 -0.83 4.32
N LEU A 154 -24.65 -1.92 4.66
CA LEU A 154 -23.43 -2.39 3.95
C LEU A 154 -23.84 -3.02 2.63
N PRO A 155 -23.35 -2.50 1.48
CA PRO A 155 -23.50 -3.16 0.18
C PRO A 155 -23.10 -4.64 0.20
N VAL A 156 -24.07 -5.54 0.05
CA VAL A 156 -23.83 -7.03 0.03
C VAL A 156 -24.35 -7.57 -1.28
N PRO A 157 -23.46 -8.04 -2.20
CA PRO A 157 -23.89 -8.83 -3.35
C PRO A 157 -24.78 -9.99 -2.86
N GLY A 158 -25.92 -10.21 -3.52
CA GLY A 158 -26.92 -11.22 -3.13
C GLY A 158 -27.54 -11.89 -4.33
N ASP A 159 -28.73 -12.46 -4.13
CA ASP A 159 -29.50 -13.14 -5.20
C ASP A 159 -30.00 -12.08 -6.19
N VAL A 160 -30.06 -12.44 -7.48
CA VAL A 160 -30.35 -11.54 -8.63
C VAL A 160 -31.85 -11.19 -8.61
N PHE A 161 -32.20 -9.96 -8.25
CA PHE A 161 -33.61 -9.46 -8.23
C PHE A 161 -33.82 -8.41 -9.31
N SER A 162 -35.05 -8.33 -9.80
CA SER A 162 -35.59 -7.19 -10.60
C SER A 162 -35.53 -5.93 -9.74
N ILE A 163 -35.10 -4.79 -10.31
CA ILE A 163 -35.31 -3.44 -9.73
C ILE A 163 -36.58 -2.87 -10.38
N ARG A 164 -37.59 -2.54 -9.56
CA ARG A 164 -38.88 -1.99 -10.03
C ARG A 164 -38.64 -0.64 -10.68
N SER A 165 -39.36 -0.34 -11.78
CA SER A 165 -39.41 1.00 -12.41
C SER A 165 -40.23 1.96 -11.53
N GLN A 166 -40.17 1.75 -10.21
CA GLN A 166 -40.67 2.66 -9.14
C GLN A 166 -39.49 3.08 -8.24
N ASP A 167 -38.43 2.28 -8.22
CA ASP A 167 -37.12 2.61 -7.59
C ASP A 167 -36.38 3.59 -8.49
N TYR A 168 -36.35 3.31 -9.80
CA TYR A 168 -35.75 4.16 -10.88
C TYR A 168 -36.51 5.50 -10.97
N ARG A 169 -37.82 5.51 -10.73
CA ARG A 169 -38.67 6.73 -10.85
C ARG A 169 -38.37 7.68 -9.68
N GLU A 170 -38.16 7.13 -8.48
CA GLU A 170 -37.77 7.87 -7.25
C GLU A 170 -36.37 8.49 -7.45
N LEU A 171 -35.47 7.72 -8.06
CA LEU A 171 -34.08 8.10 -8.42
C LEU A 171 -34.11 9.33 -9.34
N VAL A 172 -34.76 9.18 -10.50
CA VAL A 172 -34.81 10.19 -11.60
C VAL A 172 -35.42 11.51 -11.07
N LYS A 173 -36.27 11.46 -10.04
CA LYS A 173 -36.86 12.67 -9.40
C LYS A 173 -35.81 13.38 -8.53
N ARG A 174 -35.10 12.66 -7.66
CA ARG A 174 -34.03 13.24 -6.80
C ARG A 174 -32.89 13.72 -7.72
N LEU A 175 -32.64 12.99 -8.80
CA LEU A 175 -31.64 13.33 -9.85
C LEU A 175 -32.00 14.65 -10.53
N TRP A 176 -33.29 14.87 -10.80
CA TRP A 176 -33.84 16.11 -11.42
C TRP A 176 -33.80 17.27 -10.42
N GLU A 177 -34.11 17.02 -9.14
CA GLU A 177 -34.10 18.04 -8.06
C GLU A 177 -32.68 18.58 -7.84
N GLU A 178 -31.67 17.70 -7.89
CA GLU A 178 -30.27 18.02 -7.54
C GLU A 178 -29.60 18.77 -8.71
N LEU A 179 -29.90 18.37 -9.94
CA LEU A 179 -29.36 19.00 -11.19
C LEU A 179 -29.95 20.39 -11.39
N SER A 180 -31.17 20.63 -10.88
CA SER A 180 -31.85 21.95 -10.88
C SER A 180 -31.01 22.97 -10.10
N LYS A 181 -30.30 22.51 -9.07
CA LYS A 181 -29.60 23.36 -8.07
C LYS A 181 -28.08 23.44 -8.35
N ALA A 182 -27.50 22.42 -9.00
CA ALA A 182 -26.03 22.26 -9.16
C ALA A 182 -25.49 23.28 -10.17
N LYS A 183 -24.31 23.84 -9.90
CA LYS A 183 -23.75 25.01 -10.62
C LYS A 183 -23.45 24.68 -12.08
N LEU A 184 -23.37 23.39 -12.43
CA LEU A 184 -23.16 22.91 -13.82
C LEU A 184 -21.67 22.98 -14.19
N ARG A 185 -20.79 22.75 -13.21
CA ARG A 185 -19.36 22.39 -13.40
C ARG A 185 -19.18 20.93 -13.00
N SER A 186 -18.24 20.21 -13.64
CA SER A 186 -18.00 18.76 -13.45
C SER A 186 -17.90 18.44 -11.94
N ASP A 187 -17.39 19.36 -11.13
CA ASP A 187 -17.16 19.12 -9.68
C ASP A 187 -18.48 19.18 -8.89
N ARG A 188 -19.53 19.81 -9.42
CA ARG A 188 -20.86 19.90 -8.73
C ARG A 188 -21.80 18.83 -9.30
N LEU A 189 -21.43 18.25 -10.45
CA LEU A 189 -22.22 17.23 -11.17
C LEU A 189 -21.74 15.83 -10.79
N LEU A 190 -20.42 15.60 -10.70
CA LEU A 190 -19.84 14.28 -10.34
C LEU A 190 -20.47 13.76 -9.05
N PRO A 191 -20.49 14.54 -7.94
CA PRO A 191 -21.08 14.07 -6.69
C PRO A 191 -22.54 13.60 -6.79
N VAL A 192 -23.44 14.38 -7.41
CA VAL A 192 -24.89 14.03 -7.46
C VAL A 192 -25.03 12.78 -8.33
N LEU A 193 -24.25 12.67 -9.42
CA LEU A 193 -24.20 11.43 -10.24
C LEU A 193 -23.66 10.27 -9.39
N GLU A 194 -22.78 10.54 -8.41
CA GLU A 194 -22.20 9.49 -7.55
C GLU A 194 -23.23 9.08 -6.49
N LYS A 195 -23.90 10.02 -5.80
CA LYS A 195 -24.95 9.67 -4.81
C LYS A 195 -25.89 8.62 -5.41
N TYR A 196 -26.34 8.84 -6.65
CA TYR A 196 -27.59 8.26 -7.21
C TYR A 196 -27.32 7.18 -8.25
N LEU A 197 -26.12 7.10 -8.85
CA LEU A 197 -25.91 6.14 -9.96
C LEU A 197 -24.76 5.17 -9.68
N THR A 198 -24.21 5.07 -8.47
CA THR A 198 -23.13 4.07 -8.22
C THR A 198 -23.75 2.67 -8.27
N PHE A 199 -24.95 2.47 -7.74
CA PHE A 199 -25.61 1.14 -7.64
C PHE A 199 -26.61 0.95 -8.80
N VAL A 200 -26.24 1.44 -9.99
CA VAL A 200 -27.01 1.28 -11.26
C VAL A 200 -26.10 0.64 -12.30
N SER A 201 -26.56 -0.43 -12.94
CA SER A 201 -25.87 -1.11 -14.05
C SER A 201 -25.74 -0.13 -15.22
N SER A 202 -24.56 0.01 -15.81
CA SER A 202 -24.28 0.91 -16.97
C SER A 202 -24.98 0.37 -18.22
N VAL A 203 -25.07 -0.96 -18.35
CA VAL A 203 -25.79 -1.68 -19.44
C VAL A 203 -26.46 -2.92 -18.81
N THR A 204 -27.75 -3.11 -19.06
CA THR A 204 -28.64 -4.04 -18.31
C THR A 204 -28.49 -5.48 -18.79
N SER A 205 -27.28 -5.90 -19.18
CA SER A 205 -26.95 -7.30 -19.53
C SER A 205 -26.55 -8.08 -18.27
N GLU A 206 -26.68 -9.41 -18.30
CA GLU A 206 -26.31 -10.33 -17.18
C GLU A 206 -24.79 -10.42 -17.07
N GLY A 207 -24.27 -10.49 -15.84
CA GLY A 207 -22.83 -10.59 -15.54
C GLY A 207 -22.12 -9.26 -15.76
N ASN A 208 -22.88 -8.16 -15.78
CA ASN A 208 -22.36 -6.78 -16.03
C ASN A 208 -22.04 -6.09 -14.70
N ILE A 209 -20.84 -5.53 -14.66
CA ILE A 209 -20.00 -5.29 -13.45
C ILE A 209 -19.76 -3.78 -13.30
N ILE A 210 -20.01 -3.00 -14.37
CA ILE A 210 -19.64 -1.57 -14.48
C ILE A 210 -20.77 -0.72 -13.92
N SER A 211 -20.48 0.08 -12.89
CA SER A 211 -21.36 1.13 -12.33
C SER A 211 -21.57 2.23 -13.38
N LEU A 212 -22.79 2.77 -13.49
CA LEU A 212 -23.10 3.86 -14.45
C LEU A 212 -22.21 5.07 -14.13
N TYR A 213 -22.15 5.50 -12.86
CA TYR A 213 -21.27 6.62 -12.42
C TYR A 213 -19.85 6.44 -12.97
N ASP A 214 -19.31 5.22 -12.88
CA ASP A 214 -17.91 4.93 -13.32
C ASP A 214 -17.84 5.05 -14.84
N HIS A 215 -18.78 4.44 -15.56
CA HIS A 215 -18.84 4.56 -17.04
C HIS A 215 -18.88 6.03 -17.41
N MET A 216 -19.68 6.83 -16.70
CA MET A 216 -19.90 8.28 -17.00
C MET A 216 -18.59 9.04 -16.78
N ARG A 217 -17.90 8.83 -15.64
CA ARG A 217 -16.70 9.62 -15.28
C ARG A 217 -15.53 9.24 -16.21
N MET A 218 -15.46 8.00 -16.70
CA MET A 218 -14.36 7.57 -17.61
C MET A 218 -14.63 8.07 -19.04
N THR A 219 -15.89 8.20 -19.44
CA THR A 219 -16.29 8.81 -20.74
C THR A 219 -15.90 10.30 -20.73
N SER A 220 -16.23 11.04 -19.68
CA SER A 220 -15.79 12.44 -19.48
C SER A 220 -14.25 12.51 -19.46
N ALA A 221 -13.59 11.55 -18.80
CA ALA A 221 -12.12 11.48 -18.67
C ALA A 221 -11.49 11.38 -20.06
N ILE A 222 -11.89 10.36 -20.81
CA ILE A 222 -11.32 10.05 -22.15
C ILE A 222 -11.69 11.19 -23.12
N ALA A 223 -12.90 11.76 -23.00
CA ALA A 223 -13.38 12.89 -23.85
C ALA A 223 -12.42 14.08 -23.72
N LEU A 224 -12.29 14.64 -22.52
CA LEU A 224 -11.46 15.85 -22.24
C LEU A 224 -10.01 15.61 -22.71
N ALA A 225 -9.50 14.37 -22.56
CA ALA A 225 -8.12 13.98 -22.96
C ALA A 225 -7.99 14.07 -24.48
N MET A 226 -8.95 13.49 -25.22
CA MET A 226 -8.99 13.52 -26.71
C MET A 226 -9.00 14.99 -27.17
N LEU A 227 -9.88 15.81 -26.59
CA LEU A 227 -9.94 17.27 -26.88
C LEU A 227 -8.55 17.89 -26.67
N ARG A 228 -7.94 17.65 -25.51
CA ARG A 228 -6.64 18.25 -25.11
C ARG A 228 -5.50 17.71 -25.98
N ALA A 229 -5.67 16.52 -26.56
CA ALA A 229 -4.69 15.88 -27.46
C ALA A 229 -4.79 16.46 -28.89
N GLY A 230 -5.71 17.41 -29.10
CA GLY A 230 -5.80 18.23 -30.33
C GLY A 230 -6.47 17.52 -31.49
N CYS A 231 -7.18 16.42 -31.23
CA CYS A 231 -7.78 15.56 -32.28
C CYS A 231 -9.30 15.84 -32.38
N THR A 232 -9.83 15.73 -33.61
CA THR A 232 -11.08 16.36 -34.08
C THR A 232 -11.52 15.68 -35.39
N ALA A 233 -12.83 15.46 -35.55
CA ALA A 233 -13.46 14.99 -36.81
C ALA A 233 -12.95 13.58 -37.16
N GLY A 239 -10.60 6.98 -38.35
CA GLY A 239 -10.37 6.71 -36.92
C GLY A 239 -8.97 7.10 -36.48
N ARG A 240 -8.76 8.38 -36.17
CA ARG A 240 -7.42 8.96 -35.86
C ARG A 240 -7.03 8.64 -34.40
N CYS A 241 -7.58 9.36 -33.40
CA CYS A 241 -7.16 9.26 -31.97
C CYS A 241 -7.29 7.81 -31.46
N ARG A 242 -8.15 7.01 -32.11
CA ARG A 242 -8.46 5.61 -31.73
C ARG A 242 -7.26 4.68 -31.97
N LYS A 243 -6.53 4.87 -33.08
CA LYS A 243 -5.43 3.95 -33.52
C LYS A 243 -4.06 4.57 -33.21
N GLU A 244 -4.04 5.82 -32.72
CA GLU A 244 -2.81 6.60 -32.43
C GLU A 244 -2.61 6.69 -30.92
N LYS A 245 -1.40 7.01 -30.48
CA LYS A 245 -1.02 7.12 -29.04
C LYS A 245 -1.27 8.56 -28.58
N ARG A 246 -2.54 8.92 -28.43
CA ARG A 246 -3.01 10.30 -28.10
C ARG A 246 -3.26 10.44 -26.60
N PHE A 247 -3.22 9.34 -25.83
CA PHE A 247 -3.47 9.33 -24.37
C PHE A 247 -2.18 9.03 -23.60
N LEU A 248 -2.08 9.57 -22.37
CA LEU A 248 -1.12 9.13 -21.32
C LEU A 248 -1.89 8.45 -20.18
N LEU A 249 -1.45 7.25 -19.77
CA LEU A 249 -1.74 6.68 -18.42
C LEU A 249 -0.66 7.16 -17.46
N ILE A 250 -1.02 8.06 -16.54
CA ILE A 250 -0.16 8.61 -15.46
C ILE A 250 -0.39 7.79 -14.18
N GLU A 251 0.68 7.27 -13.58
CA GLU A 251 0.58 6.61 -12.25
C GLU A 251 1.59 7.25 -11.29
N GLY A 252 1.13 7.53 -10.06
CA GLY A 252 1.97 7.98 -8.94
C GLY A 252 1.90 6.98 -7.80
N ASP A 253 3.04 6.41 -7.41
CA ASP A 253 3.14 5.58 -6.18
C ASP A 253 4.12 6.22 -5.21
N PHE A 254 3.67 6.44 -3.97
CA PHE A 254 4.52 6.81 -2.81
C PHE A 254 5.27 5.55 -2.36
N SER A 255 6.54 5.69 -1.95
CA SER A 255 7.34 4.61 -1.33
C SER A 255 8.06 5.14 -0.10
N GLY A 256 8.15 4.30 0.93
CA GLY A 256 8.65 4.64 2.29
C GLY A 256 7.54 5.08 3.22
N ILE A 257 6.28 4.73 2.92
CA ILE A 257 5.10 5.22 3.67
C ILE A 257 5.21 4.74 5.11
N GLN A 258 5.59 3.48 5.31
CA GLN A 258 5.74 2.82 6.65
C GLN A 258 6.74 3.59 7.50
N ASP A 259 7.91 3.90 6.94
CA ASP A 259 8.99 4.66 7.63
C ASP A 259 8.47 6.08 7.94
N PHE A 260 7.91 6.76 6.95
CA PHE A 260 7.32 8.12 7.12
C PHE A 260 6.31 8.09 8.28
N ILE A 261 5.47 7.06 8.39
CA ILE A 261 4.33 7.06 9.35
C ILE A 261 4.76 6.46 10.70
N TYR A 262 5.30 5.25 10.68
CA TYR A 262 5.58 4.50 11.93
C TYR A 262 6.95 4.73 12.57
N ARG A 263 7.90 5.46 11.98
CA ARG A 263 9.15 5.66 12.74
C ARG A 263 9.26 7.14 13.15
N VAL A 264 9.19 7.42 14.45
CA VAL A 264 9.13 8.81 14.96
C VAL A 264 10.12 9.05 16.11
N SER A 265 10.23 10.30 16.53
CA SER A 265 11.10 10.72 17.67
C SER A 265 12.56 10.45 17.32
N THR A 269 3.52 8.92 19.78
CA THR A 269 2.13 9.00 20.31
C THR A 269 1.13 8.77 19.16
N LEU A 270 -0.06 8.28 19.52
CA LEU A 270 -1.16 7.91 18.58
C LEU A 270 -1.60 9.14 17.79
N LYS A 271 -1.77 10.28 18.46
CA LYS A 271 -2.14 11.59 17.82
C LYS A 271 -1.22 11.87 16.65
N TYR A 272 0.09 11.78 16.87
CA TYR A 272 1.13 12.03 15.83
C TYR A 272 0.92 11.09 14.64
N LEU A 273 0.66 9.81 14.92
CA LEU A 273 0.49 8.73 13.92
C LEU A 273 -0.67 9.09 12.98
N ARG A 274 -1.81 9.51 13.52
CA ARG A 274 -3.00 9.92 12.73
C ARG A 274 -2.66 11.18 11.93
N ALA A 275 -1.90 12.10 12.53
CA ALA A 275 -1.49 13.38 11.91
C ALA A 275 -0.61 13.11 10.69
N ARG A 276 0.38 12.22 10.80
CA ARG A 276 1.25 11.82 9.65
C ARG A 276 0.38 11.18 8.57
N SER A 277 -0.53 10.28 8.96
CA SER A 277 -1.46 9.58 8.04
C SER A 277 -2.29 10.63 7.29
N ALA A 278 -2.94 11.56 8.01
CA ALA A 278 -3.71 12.68 7.43
C ALA A 278 -2.82 13.48 6.48
N TYR A 279 -1.58 13.76 6.89
CA TYR A 279 -0.62 14.59 6.12
C TYR A 279 -0.35 13.92 4.77
N LEU A 280 -0.05 12.61 4.76
CA LEU A 280 0.26 11.87 3.50
C LEU A 280 -0.89 12.04 2.50
N GLU A 281 -2.14 11.94 2.96
CA GLU A 281 -3.35 12.03 2.09
C GLU A 281 -3.42 13.42 1.44
N LEU A 282 -3.10 14.48 2.19
CA LEU A 282 -3.10 15.88 1.67
C LEU A 282 -1.97 16.06 0.67
N ILE A 283 -0.75 15.64 1.02
CA ILE A 283 0.41 15.68 0.08
C ILE A 283 -0.02 15.06 -1.25
N GLY A 284 -0.69 13.89 -1.20
CA GLY A 284 -1.11 13.13 -2.39
C GLY A 284 -2.16 13.88 -3.21
N TRP A 285 -3.14 14.50 -2.55
CA TRP A 285 -4.19 15.33 -3.19
C TRP A 285 -3.53 16.54 -3.85
N ASP A 286 -2.58 17.18 -3.15
CA ASP A 286 -1.86 18.40 -3.61
C ASP A 286 -1.20 18.11 -4.96
N VAL A 287 -0.59 16.94 -5.11
CA VAL A 287 0.08 16.50 -6.38
C VAL A 287 -0.99 16.16 -7.42
N VAL A 288 -2.07 15.48 -7.03
CA VAL A 288 -3.12 15.01 -7.99
C VAL A 288 -3.80 16.24 -8.59
N LEU A 289 -4.26 17.16 -7.75
CA LEU A 289 -4.98 18.39 -8.18
C LEU A 289 -4.02 19.30 -8.96
N GLU A 290 -2.73 19.28 -8.63
CA GLU A 290 -1.70 20.06 -9.38
C GLU A 290 -1.69 19.57 -10.82
N ILE A 291 -1.60 18.26 -11.03
CA ILE A 291 -1.57 17.62 -12.38
C ILE A 291 -2.87 17.96 -13.11
N LEU A 292 -4.03 17.80 -12.47
CA LEU A 292 -5.34 18.08 -13.10
C LEU A 292 -5.38 19.56 -13.53
N SER A 293 -4.96 20.46 -12.64
CA SER A 293 -4.93 21.93 -12.86
C SER A 293 -4.05 22.29 -14.06
N ARG A 294 -2.77 21.88 -14.04
CA ARG A 294 -1.77 22.30 -15.06
C ARG A 294 -2.04 21.64 -16.41
N LEU A 295 -2.66 20.45 -16.46
CA LEU A 295 -3.00 19.76 -17.74
C LEU A 295 -4.41 20.15 -18.20
N GLY A 296 -5.15 20.95 -17.42
CA GLY A 296 -6.51 21.41 -17.75
C GLY A 296 -7.49 20.25 -17.78
N LEU A 297 -7.53 19.47 -16.69
CA LEU A 297 -8.32 18.21 -16.57
C LEU A 297 -9.29 18.36 -15.41
N THR A 298 -10.14 17.35 -15.20
CA THR A 298 -11.24 17.33 -14.21
C THR A 298 -11.01 16.17 -13.24
N ARG A 299 -11.61 16.23 -12.05
CA ARG A 299 -11.50 15.14 -11.05
C ARG A 299 -11.93 13.80 -11.68
N ALA A 300 -12.72 13.83 -12.75
CA ALA A 300 -13.19 12.63 -13.49
C ALA A 300 -11.99 11.91 -14.13
N ASN A 301 -10.88 12.61 -14.33
CA ASN A 301 -9.64 12.04 -14.96
C ASN A 301 -8.86 11.21 -13.94
N VAL A 302 -9.19 11.32 -12.65
CA VAL A 302 -8.61 10.47 -11.56
C VAL A 302 -9.30 9.10 -11.62
N VAL A 303 -8.68 8.10 -12.25
CA VAL A 303 -9.18 6.68 -12.20
C VAL A 303 -9.27 6.25 -10.73
N PHE A 304 -8.20 6.45 -9.94
CA PHE A 304 -8.23 6.19 -8.48
C PHE A 304 -7.17 7.01 -7.74
N ASN A 305 -7.44 7.24 -6.46
CA ASN A 305 -6.49 7.84 -5.48
C ASN A 305 -6.71 7.16 -4.12
N ALA A 306 -6.12 5.98 -3.93
CA ALA A 306 -6.31 5.12 -2.73
C ALA A 306 -4.98 4.46 -2.34
N GLY A 307 -4.67 4.43 -1.05
CA GLY A 307 -3.52 3.71 -0.47
C GLY A 307 -2.18 4.22 -0.96
N GLY A 308 -2.09 5.52 -1.28
CA GLY A 308 -0.84 6.17 -1.73
C GLY A 308 -0.54 5.93 -3.20
N HIS A 309 -1.49 5.33 -3.94
CA HIS A 309 -1.46 5.11 -5.41
C HIS A 309 -2.48 6.04 -6.07
N PHE A 310 -2.11 6.74 -7.13
CA PHE A 310 -3.08 7.46 -7.99
C PHE A 310 -2.82 7.12 -9.46
N MET A 311 -3.90 7.10 -10.24
CA MET A 311 -3.86 6.89 -11.71
C MET A 311 -4.76 7.93 -12.39
N ILE A 312 -4.23 8.60 -13.41
CA ILE A 312 -4.93 9.67 -14.16
C ILE A 312 -4.80 9.36 -15.66
N ILE A 313 -5.90 9.54 -16.40
CA ILE A 313 -5.90 9.50 -17.88
C ILE A 313 -5.72 10.94 -18.36
N ALA A 314 -4.78 11.17 -19.29
CA ALA A 314 -4.45 12.53 -19.80
C ALA A 314 -4.10 12.49 -21.29
N GLN A 315 -4.03 13.69 -21.89
CA GLN A 315 -3.57 13.94 -23.29
C GLN A 315 -2.08 13.64 -23.38
N ASN A 316 -1.64 12.98 -24.45
CA ASN A 316 -0.20 12.84 -24.80
C ASN A 316 0.18 13.98 -25.75
N THR A 317 0.39 15.18 -25.21
CA THR A 317 0.96 16.35 -25.94
C THR A 317 2.37 16.64 -25.40
N PRO A 318 3.22 17.32 -26.18
CA PRO A 318 4.48 17.86 -25.66
C PRO A 318 4.31 18.78 -24.43
N ASP A 319 3.30 19.65 -24.43
CA ASP A 319 3.01 20.59 -23.30
C ASP A 319 2.80 19.80 -22.02
N ALA A 320 2.07 18.68 -22.11
CA ALA A 320 1.65 17.83 -20.96
C ALA A 320 2.87 17.11 -20.36
N VAL A 321 3.75 16.52 -21.19
CA VAL A 321 4.94 15.76 -20.70
C VAL A 321 5.88 16.75 -19.99
N LYS A 322 6.15 17.91 -20.60
CA LYS A 322 6.95 19.01 -20.00
C LYS A 322 6.32 19.40 -18.66
N GLU A 323 4.99 19.51 -18.60
CA GLU A 323 4.26 19.97 -17.38
C GLU A 323 4.34 18.89 -16.29
N LEU A 324 4.34 17.60 -16.65
CA LEU A 324 4.46 16.48 -15.69
C LEU A 324 5.89 16.42 -15.12
N GLU A 325 6.90 16.52 -15.98
CA GLU A 325 8.33 16.50 -15.59
C GLU A 325 8.61 17.62 -14.57
N GLU A 326 8.08 18.81 -14.81
CA GLU A 326 8.21 19.97 -13.89
C GLU A 326 7.59 19.61 -12.53
N ILE A 327 6.34 19.11 -12.53
CA ILE A 327 5.57 18.71 -11.32
C ILE A 327 6.32 17.58 -10.60
N ARG A 328 6.70 16.52 -11.32
CA ARG A 328 7.46 15.37 -10.77
C ARG A 328 8.73 15.91 -10.07
N ALA A 329 9.55 16.68 -10.80
CA ALA A 329 10.82 17.26 -10.29
C ALA A 329 10.54 18.11 -9.05
N LYS A 330 9.54 19.00 -9.10
CA LYS A 330 9.26 19.97 -8.00
C LYS A 330 8.72 19.24 -6.76
N ALA A 331 7.91 18.18 -6.94
CA ALA A 331 7.30 17.43 -5.83
C ALA A 331 8.37 16.57 -5.12
N VAL A 332 9.32 16.04 -5.88
CA VAL A 332 10.44 15.20 -5.35
C VAL A 332 11.40 16.09 -4.55
N GLU A 333 11.77 17.26 -5.09
CA GLU A 333 12.68 18.23 -4.44
C GLU A 333 12.08 18.61 -3.08
N TRP A 334 10.77 18.84 -3.04
CA TRP A 334 10.05 19.29 -1.82
C TRP A 334 10.03 18.17 -0.78
N LEU A 335 9.78 16.92 -1.21
CA LEU A 335 9.79 15.73 -0.33
C LEU A 335 11.19 15.56 0.29
N TYR A 336 12.24 15.70 -0.53
CA TYR A 336 13.65 15.52 -0.12
C TYR A 336 13.98 16.55 0.97
N ARG A 337 13.71 17.83 0.72
CA ARG A 337 13.97 18.93 1.70
C ARG A 337 13.19 18.68 3.00
N GLU A 338 11.94 18.21 2.89
CA GLU A 338 10.97 18.19 4.02
C GLU A 338 11.23 16.98 4.93
N PHE A 339 11.49 15.79 4.36
CA PHE A 339 11.54 14.51 5.11
C PHE A 339 12.81 13.69 4.84
N GLU A 340 13.80 14.29 4.16
CA GLU A 340 15.05 13.60 3.71
C GLU A 340 14.67 12.44 2.78
N SER A 341 15.38 11.32 2.84
CA SER A 341 15.23 10.15 1.92
C SER A 341 14.00 9.30 2.28
N ASP A 342 13.20 9.72 3.29
CA ASP A 342 12.15 8.86 3.92
C ASP A 342 11.00 8.59 2.96
N LEU A 343 10.37 9.66 2.44
CA LEU A 343 9.13 9.58 1.61
C LEU A 343 9.47 10.03 0.19
N TYR A 344 9.51 9.06 -0.74
CA TYR A 344 9.68 9.31 -2.20
C TYR A 344 8.30 9.22 -2.87
N LEU A 345 8.12 9.93 -3.98
CA LEU A 345 6.94 9.79 -4.86
C LEU A 345 7.43 9.42 -6.27
N ALA A 346 7.09 8.21 -6.72
CA ALA A 346 7.46 7.65 -8.03
C ALA A 346 6.34 7.96 -9.02
N ILE A 347 6.55 8.90 -9.95
CA ILE A 347 5.54 9.31 -10.97
C ILE A 347 6.03 8.91 -12.36
N GLU A 348 5.19 8.18 -13.08
CA GLU A 348 5.47 7.69 -14.45
C GLU A 348 4.20 7.82 -15.29
N TRP A 349 4.38 7.89 -16.60
CA TRP A 349 3.30 7.95 -17.60
C TRP A 349 3.72 7.16 -18.84
N GLU A 350 2.75 6.55 -19.51
CA GLU A 350 3.00 5.77 -20.75
C GLU A 350 2.10 6.27 -21.86
N PRO A 351 2.64 6.60 -23.06
CA PRO A 351 1.84 6.83 -24.24
C PRO A 351 0.95 5.63 -24.54
N VAL A 352 -0.35 5.86 -24.80
CA VAL A 352 -1.36 4.80 -24.99
C VAL A 352 -2.40 5.26 -26.03
N SER A 353 -2.92 4.30 -26.82
CA SER A 353 -3.95 4.49 -27.86
C SER A 353 -5.33 4.01 -27.36
N GLY A 354 -6.40 4.53 -27.95
CA GLY A 354 -7.79 4.10 -27.74
C GLY A 354 -7.94 2.58 -27.81
N ARG A 355 -7.32 1.93 -28.79
CA ARG A 355 -7.19 0.45 -28.88
C ARG A 355 -7.02 -0.14 -27.48
N GLU A 356 -6.05 0.39 -26.74
CA GLU A 356 -5.48 -0.23 -25.51
C GLU A 356 -6.41 0.00 -24.31
N PHE A 357 -7.41 0.88 -24.42
CA PHE A 357 -8.48 1.02 -23.39
C PHE A 357 -9.42 -0.19 -23.42
N GLY A 358 -9.27 -1.12 -24.38
CA GLY A 358 -10.17 -2.29 -24.51
C GLY A 358 -9.48 -3.56 -24.99
N ARG A 359 -10.26 -4.64 -25.10
CA ARG A 359 -9.85 -6.03 -25.47
C ARG A 359 -9.69 -6.15 -26.99
N GLU A 360 -9.01 -7.21 -27.45
CA GLU A 360 -8.81 -7.57 -28.88
C GLU A 360 -8.41 -9.05 -29.01
N GLY A 361 -8.97 -9.94 -28.16
CA GLY A 361 -8.56 -11.35 -28.04
C GLY A 361 -8.36 -11.76 -26.59
N ASN A 364 -6.24 -8.68 -23.83
CA ASN A 364 -6.49 -7.66 -22.78
C ASN A 364 -5.40 -6.59 -22.85
N LEU A 365 -5.52 -5.64 -23.77
CA LEU A 365 -4.49 -4.60 -24.04
C LEU A 365 -4.42 -3.60 -22.88
N PHE A 366 -5.52 -3.35 -22.16
CA PHE A 366 -5.55 -2.36 -21.05
C PHE A 366 -4.65 -2.87 -19.91
N ALA A 367 -4.77 -4.15 -19.54
CA ALA A 367 -3.95 -4.76 -18.47
C ALA A 367 -2.47 -4.76 -18.90
N GLU A 368 -2.21 -5.06 -20.17
CA GLU A 368 -0.85 -5.12 -20.77
C GLU A 368 -0.21 -3.73 -20.71
N ALA A 369 -0.96 -2.67 -21.00
CA ALA A 369 -0.51 -1.27 -20.90
C ALA A 369 -0.20 -0.94 -19.43
N ARG A 370 -1.10 -1.31 -18.52
CA ARG A 370 -0.95 -1.11 -17.06
C ARG A 370 0.29 -1.86 -16.55
N LYS A 371 0.66 -2.98 -17.18
CA LYS A 371 1.85 -3.80 -16.81
C LYS A 371 3.14 -3.06 -17.21
N ARG A 372 3.19 -2.48 -18.42
CA ARG A 372 4.34 -1.68 -18.92
C ARG A 372 4.49 -0.42 -18.06
N LEU A 373 3.40 0.10 -17.50
CA LEU A 373 3.43 1.29 -16.61
C LEU A 373 4.01 0.91 -15.24
N LYS A 374 3.50 -0.17 -14.63
CA LYS A 374 4.00 -0.76 -13.36
C LYS A 374 5.53 -0.93 -13.45
N HIS A 375 6.03 -1.50 -14.55
CA HIS A 375 7.46 -1.80 -14.78
C HIS A 375 8.30 -0.51 -14.74
N LYS A 376 7.84 0.56 -15.37
CA LYS A 376 8.50 1.89 -15.33
C LYS A 376 8.51 2.39 -13.88
N LEU A 377 7.46 2.08 -13.12
CA LEU A 377 7.32 2.51 -11.70
C LEU A 377 8.32 1.76 -10.81
N THR A 378 8.52 0.46 -11.03
CA THR A 378 9.52 -0.36 -10.31
C THR A 378 10.93 0.18 -10.60
N VAL A 379 11.24 0.43 -11.88
CA VAL A 379 12.55 1.02 -12.32
C VAL A 379 12.73 2.36 -11.59
N ARG A 380 11.70 3.22 -11.60
CA ARG A 380 11.75 4.58 -10.98
C ARG A 380 11.97 4.45 -9.47
N LYS A 381 11.42 3.42 -8.83
CA LYS A 381 11.54 3.18 -7.37
C LYS A 381 12.96 2.68 -7.02
N LEU A 382 13.72 2.22 -8.03
CA LEU A 382 15.15 1.83 -7.89
C LEU A 382 16.06 2.98 -8.37
N LYS A 383 15.48 4.15 -8.63
CA LYS A 383 16.22 5.40 -8.98
C LYS A 383 15.68 6.51 -8.09
N ARG A 384 15.55 6.22 -6.79
CA ARG A 384 14.79 7.08 -5.85
C ARG A 384 15.59 8.37 -5.64
N PHE A 385 14.92 9.50 -5.85
CA PHE A 385 15.46 10.89 -5.73
C PHE A 385 16.47 11.17 -6.86
N GLY A 386 16.42 10.40 -7.96
CA GLY A 386 17.27 10.58 -9.15
C GLY A 386 16.96 11.88 -9.90
N GLU A 387 15.89 12.60 -9.51
CA GLU A 387 15.42 13.86 -10.15
C GLU A 387 16.05 15.07 -9.45
N ILE A 388 16.92 14.84 -8.45
CA ILE A 388 17.73 15.89 -7.75
C ILE A 388 19.20 15.66 -8.10
N LYS A 389 19.78 16.43 -9.03
CA LYS A 389 21.20 16.25 -9.45
C LYS A 389 22.13 16.61 -8.29
N GLY A 390 21.67 17.42 -7.33
CA GLY A 390 22.44 17.82 -6.13
C GLY A 390 22.66 16.67 -5.15
N LEU A 391 22.05 15.50 -5.39
CA LEU A 391 21.90 14.40 -4.40
C LEU A 391 23.26 13.82 -3.97
N PHE A 392 24.23 13.74 -4.89
CA PHE A 392 25.53 13.06 -4.70
C PHE A 392 26.68 14.09 -4.70
N GLU A 393 26.63 15.04 -3.77
CA GLU A 393 27.68 16.08 -3.53
C GLU A 393 27.70 16.45 -2.05
N CYS A 430 6.05 20.43 12.29
CA CYS A 430 5.63 19.37 13.26
C CYS A 430 4.90 19.98 14.49
N ASN A 431 5.00 21.29 14.71
CA ASN A 431 4.31 22.02 15.81
C ASN A 431 2.80 22.05 15.56
N ARG A 432 2.36 22.13 14.30
CA ARG A 432 0.92 22.17 13.91
C ARG A 432 0.48 20.83 13.30
N LEU A 433 1.43 19.93 12.97
CA LEU A 433 1.11 18.57 12.45
C LEU A 433 0.17 17.86 13.43
N VAL A 434 0.56 17.75 14.71
CA VAL A 434 -0.13 16.91 15.75
C VAL A 434 -1.63 17.24 15.80
N SER A 435 -2.02 18.52 15.64
CA SER A 435 -3.43 18.97 15.72
C SER A 435 -4.31 18.17 14.75
N LEU A 436 -3.77 17.77 13.60
CA LEU A 436 -4.47 16.91 12.60
C LEU A 436 -4.83 15.59 13.28
N LEU A 443 -13.97 20.32 12.30
CA LEU A 443 -13.56 20.83 10.96
C LEU A 443 -14.27 20.01 9.89
N LEU A 444 -14.47 20.59 8.70
CA LEU A 444 -15.29 20.02 7.62
C LEU A 444 -14.42 19.69 6.40
N GLY A 445 -13.15 20.08 6.43
CA GLY A 445 -12.21 19.90 5.31
C GLY A 445 -11.05 20.88 5.39
N PHE A 446 -10.39 21.12 4.26
CA PHE A 446 -9.23 22.03 4.10
C PHE A 446 -9.35 22.79 2.79
N GLY A 447 -8.99 24.09 2.82
CA GLY A 447 -8.85 24.93 1.61
C GLY A 447 -7.45 24.81 1.04
N ARG A 448 -7.34 24.54 -0.26
CA ARG A 448 -6.04 24.45 -0.98
C ARG A 448 -5.70 25.83 -1.55
N THR A 449 -4.87 26.60 -0.84
CA THR A 449 -4.48 27.99 -1.16
C THR A 449 -2.98 28.08 -1.48
N ALA A 450 -2.47 29.28 -1.71
CA ALA A 450 -1.02 29.60 -1.83
C ALA A 450 -0.31 29.24 -0.52
N LYS A 451 0.95 28.79 -0.61
CA LYS A 451 1.82 28.45 0.54
C LYS A 451 1.89 29.64 1.49
N ASN A 452 2.01 30.85 0.92
CA ASN A 452 1.99 32.15 1.63
C ASN A 452 0.53 32.62 1.77
N ASP A 453 -0.09 32.31 2.91
CA ASP A 453 -1.49 32.71 3.24
C ASP A 453 -1.65 32.58 4.76
N ALA A 454 -2.29 33.57 5.41
CA ALA A 454 -2.65 33.54 6.83
C ALA A 454 -3.53 32.31 7.10
N GLY A 455 -3.27 31.58 8.19
CA GLY A 455 -4.12 30.46 8.65
C GLY A 455 -3.67 29.11 8.13
N VAL A 456 -2.77 29.06 7.13
CA VAL A 456 -2.15 27.81 6.60
C VAL A 456 -1.60 27.00 7.78
N LEU A 457 -2.19 25.84 8.04
CA LEU A 457 -1.86 24.91 9.17
C LEU A 457 -0.72 23.96 8.74
N VAL A 458 -0.75 23.46 7.50
CA VAL A 458 0.29 22.56 6.92
C VAL A 458 0.49 22.93 5.45
N GLU A 459 1.66 22.61 4.91
CA GLU A 459 2.03 22.88 3.49
C GLU A 459 2.41 21.58 2.78
N GLY A 460 1.92 21.43 1.55
CA GLY A 460 2.31 20.38 0.61
C GLY A 460 3.33 20.92 -0.39
N PRO A 461 3.73 20.14 -1.42
CA PRO A 461 4.75 20.60 -2.36
C PRO A 461 4.36 21.78 -3.27
N PHE A 462 3.06 22.05 -3.44
CA PHE A 462 2.57 23.09 -4.38
C PHE A 462 1.70 24.13 -3.68
N SER A 463 1.04 23.78 -2.57
CA SER A 463 -0.07 24.59 -2.01
C SER A 463 -0.06 24.56 -0.48
N GLY A 464 -0.64 25.59 0.13
CA GLY A 464 -0.98 25.61 1.57
C GLY A 464 -2.35 25.01 1.79
N PHE A 465 -2.61 24.49 2.98
CA PHE A 465 -3.91 23.92 3.39
C PHE A 465 -4.40 24.68 4.63
N VAL A 466 -5.50 25.41 4.46
CA VAL A 466 -6.19 26.20 5.52
C VAL A 466 -7.35 25.37 6.04
N PRO A 467 -7.37 25.01 7.34
CA PRO A 467 -8.49 24.29 7.92
C PRO A 467 -9.83 25.02 7.71
N TYR A 468 -10.85 24.29 7.26
CA TYR A 468 -12.24 24.77 7.05
C TYR A 468 -13.11 24.27 8.22
N LEU A 469 -13.47 25.18 9.12
CA LEU A 469 -14.23 24.90 10.37
C LEU A 469 -15.71 25.28 10.16
N GLN A 470 -16.62 24.60 10.86
CA GLN A 470 -18.10 24.73 10.71
C GLN A 470 -18.52 26.20 10.81
N GLY A 471 -18.03 26.91 11.83
CA GLY A 471 -18.43 28.30 12.14
C GLY A 471 -17.64 29.33 11.36
N GLY A 472 -16.86 28.90 10.35
CA GLY A 472 -15.95 29.75 9.57
C GLY A 472 -16.25 29.70 8.08
N ARG A 473 -15.53 30.51 7.30
CA ARG A 473 -15.62 30.58 5.81
C ARG A 473 -14.39 29.90 5.22
N PRO A 474 -14.54 29.12 4.12
CA PRO A 474 -13.41 28.43 3.50
C PRO A 474 -12.60 29.38 2.62
N VAL A 475 -11.33 29.02 2.35
CA VAL A 475 -10.38 29.81 1.52
C VAL A 475 -9.80 28.87 0.45
N GLY A 476 -9.63 29.35 -0.78
CA GLY A 476 -8.84 28.67 -1.82
C GLY A 476 -9.63 28.37 -3.08
N GLU A 477 -8.90 28.10 -4.16
CA GLU A 477 -9.44 27.72 -5.50
C GLU A 477 -10.21 26.39 -5.36
N GLN A 478 -9.57 25.33 -4.86
CA GLN A 478 -10.19 24.01 -4.56
C GLN A 478 -10.45 23.91 -3.04
N ILE A 479 -11.54 23.25 -2.65
CA ILE A 479 -11.87 22.93 -1.22
C ILE A 479 -12.00 21.41 -1.09
N LEU A 480 -11.20 20.80 -0.20
CA LEU A 480 -11.29 19.37 0.15
C LEU A 480 -12.31 19.23 1.29
N VAL A 481 -13.40 18.47 1.08
CA VAL A 481 -14.51 18.32 2.05
C VAL A 481 -14.61 16.85 2.49
N LYS A 482 -14.61 16.62 3.81
CA LYS A 482 -14.44 15.31 4.47
C LYS A 482 -15.81 14.61 4.59
N ASN A 483 -15.91 13.38 4.08
CA ASN A 483 -16.99 12.39 4.37
C ASN A 483 -18.39 12.94 4.02
N THR A 484 -18.54 13.62 2.88
CA THR A 484 -19.84 13.98 2.25
C THR A 484 -19.65 14.16 0.74
N LEU A 485 -20.72 13.96 -0.04
CA LEU A 485 -20.81 14.28 -1.49
C LEU A 485 -21.60 15.59 -1.70
N ASN A 486 -21.83 16.36 -0.62
CA ASN A 486 -22.61 17.62 -0.64
C ASN A 486 -21.67 18.82 -0.51
N PRO A 487 -21.63 19.70 -1.54
CA PRO A 487 -20.85 20.94 -1.50
C PRO A 487 -20.96 21.78 -0.21
N GLY A 488 -22.15 21.83 0.41
CA GLY A 488 -22.41 22.65 1.61
C GLY A 488 -22.35 24.14 1.29
N GLU A 489 -22.26 24.98 2.33
CA GLU A 489 -22.23 26.46 2.18
C GLU A 489 -20.80 26.90 1.83
N ILE A 490 -20.33 26.52 0.64
CA ILE A 490 -19.01 26.96 0.09
C ILE A 490 -19.29 27.87 -1.11
N PRO A 491 -18.38 28.81 -1.45
CA PRO A 491 -18.59 29.70 -2.59
C PRO A 491 -18.67 28.93 -3.92
N GLU A 492 -19.28 29.54 -4.93
CA GLU A 492 -19.67 28.88 -6.21
C GLU A 492 -18.46 28.79 -7.14
N SER A 493 -17.45 29.66 -6.95
CA SER A 493 -16.18 29.68 -7.72
C SER A 493 -15.26 28.56 -7.21
N ALA A 494 -15.47 28.10 -5.98
CA ALA A 494 -14.67 27.05 -5.29
C ALA A 494 -14.95 25.69 -5.92
N GLN A 495 -13.90 25.02 -6.41
CA GLN A 495 -13.98 23.62 -6.89
C GLN A 495 -14.24 22.70 -5.68
N PHE A 496 -15.32 21.93 -5.74
CA PHE A 496 -15.68 20.91 -4.73
C PHE A 496 -14.83 19.66 -4.96
N VAL A 497 -14.01 19.29 -3.98
CA VAL A 497 -13.22 18.02 -3.96
C VAL A 497 -13.61 17.24 -2.71
N PRO A 498 -14.57 16.30 -2.81
CA PRO A 498 -14.92 15.44 -1.69
C PRO A 498 -13.83 14.39 -1.50
N TYR A 499 -13.38 14.20 -0.27
CA TYR A 499 -12.46 13.10 0.11
C TYR A 499 -13.10 12.33 1.27
N PHE A 500 -12.98 11.01 1.22
CA PHE A 500 -13.42 10.08 2.29
C PHE A 500 -12.20 9.61 3.07
N VAL A 501 -12.33 9.55 4.39
CA VAL A 501 -11.26 9.07 5.31
C VAL A 501 -11.93 8.33 6.48
N ALA A 502 -11.39 7.17 6.84
CA ALA A 502 -11.76 6.42 8.06
C ALA A 502 -10.93 6.98 9.22
N ASP A 503 -11.59 7.71 10.13
CA ASP A 503 -10.94 8.46 11.23
C ASP A 503 -11.60 8.11 12.57
N TYR A 504 -12.36 7.03 12.66
CA TYR A 504 -12.98 6.59 13.95
C TYR A 504 -11.92 6.64 15.05
N PHE A 505 -12.31 7.10 16.23
CA PHE A 505 -11.42 7.05 17.41
C PHE A 505 -12.29 7.04 18.65
N LYS A 506 -11.77 6.49 19.74
CA LYS A 506 -12.51 6.44 21.02
C LYS A 506 -12.39 7.80 21.70
N LYS A 507 -13.52 8.36 22.10
CA LYS A 507 -13.50 9.65 22.83
C LYS A 507 -13.35 9.34 24.31
N ASP A 508 -12.41 10.07 24.88
CA ASP A 508 -11.89 10.12 26.27
C ASP A 508 -12.74 11.08 27.12
N PRO A 509 -12.61 11.09 28.46
CA PRO A 509 -13.39 12.01 29.30
C PRO A 509 -13.05 13.44 28.86
N LYS A 510 -11.76 13.69 28.59
CA LYS A 510 -11.31 15.02 28.09
C LYS A 510 -11.97 15.34 26.75
N GLY A 511 -12.31 14.35 25.93
CA GLY A 511 -12.92 14.63 24.62
C GLY A 511 -11.90 14.57 23.52
N GLY A 512 -10.64 14.36 23.89
CA GLY A 512 -9.53 14.19 22.93
C GLY A 512 -9.45 12.75 22.45
N VAL A 513 -8.64 12.49 21.42
CA VAL A 513 -8.47 11.11 20.94
C VAL A 513 -7.70 10.34 22.01
N ALA A 514 -8.20 9.17 22.39
CA ALA A 514 -7.65 8.30 23.45
C ALA A 514 -6.20 7.91 23.12
N THR A 515 -5.39 7.77 24.17
CA THR A 515 -3.95 7.40 24.12
C THR A 515 -3.82 5.88 24.15
N PHE A 516 -2.66 5.36 23.73
CA PHE A 516 -2.22 3.96 23.90
C PHE A 516 -2.57 3.46 25.30
N GLU A 517 -2.30 4.28 26.32
CA GLU A 517 -2.47 3.94 27.77
C GLU A 517 -3.95 3.78 28.09
N GLU A 518 -4.79 4.74 27.70
CA GLU A 518 -6.25 4.74 28.00
C GLU A 518 -6.95 3.58 27.28
N LEU A 519 -6.47 3.20 26.09
CA LEU A 519 -7.03 2.06 25.32
C LEU A 519 -6.64 0.75 26.01
N SER A 520 -5.37 0.63 26.40
CA SER A 520 -4.80 -0.56 27.09
C SER A 520 -5.56 -0.79 28.40
N MET A 521 -5.81 0.30 29.14
CA MET A 521 -6.50 0.30 30.46
C MET A 521 -7.94 -0.21 30.35
N ALA A 522 -8.59 -0.03 29.19
CA ALA A 522 -10.00 -0.41 28.96
C ALA A 522 -10.12 -1.92 28.68
N SER A 523 -9.01 -2.63 28.53
CA SER A 523 -8.97 -4.07 28.16
C SER A 523 -9.68 -4.94 29.21
N THR A 524 -10.22 -6.08 28.80
CA THR A 524 -10.67 -7.19 29.69
C THR A 524 -9.42 -7.99 30.13
N GLY A 525 -9.29 -8.27 31.42
CA GLY A 525 -8.15 -9.02 31.99
C GLY A 525 -6.85 -8.27 31.80
N THR A 526 -5.88 -8.87 31.11
CA THR A 526 -4.53 -8.26 30.94
C THR A 526 -4.70 -6.89 30.26
N ARG A 527 -4.03 -5.85 30.79
CA ARG A 527 -3.97 -4.51 30.17
C ARG A 527 -2.85 -4.52 29.12
N ARG A 528 -3.21 -4.73 27.85
CA ARG A 528 -2.30 -4.66 26.69
C ARG A 528 -2.99 -3.84 25.59
N LEU A 529 -2.21 -3.15 24.77
CA LEU A 529 -2.71 -2.50 23.55
C LEU A 529 -2.82 -3.55 22.45
N GLY A 530 -4.00 -3.64 21.82
CA GLY A 530 -4.24 -4.44 20.62
C GLY A 530 -3.84 -3.65 19.39
N VAL A 531 -3.18 -4.31 18.44
CA VAL A 531 -2.73 -3.72 17.15
C VAL A 531 -3.09 -4.72 16.05
N MET A 532 -3.76 -4.27 14.99
CA MET A 532 -4.00 -5.16 13.82
C MET A 532 -3.68 -4.41 12.52
N LYS A 533 -2.95 -5.11 11.66
CA LYS A 533 -2.59 -4.71 10.28
C LYS A 533 -3.27 -5.73 9.35
N GLY A 534 -4.06 -5.24 8.40
CA GLY A 534 -4.81 -6.10 7.46
C GLY A 534 -4.63 -5.64 6.03
N ASP A 535 -4.84 -6.56 5.09
CA ASP A 535 -4.45 -6.46 3.68
C ASP A 535 -5.36 -7.39 2.88
N VAL A 536 -5.93 -6.93 1.77
CA VAL A 536 -6.63 -7.82 0.79
C VAL A 536 -5.54 -8.69 0.15
N ASP A 537 -5.84 -9.96 -0.09
CA ASP A 537 -4.93 -10.92 -0.76
C ASP A 537 -5.03 -10.73 -2.27
N ARG A 538 -3.90 -10.57 -2.95
CA ARG A 538 -3.73 -10.66 -4.42
C ARG A 538 -4.59 -9.60 -5.12
N LEU A 539 -4.58 -8.37 -4.59
CA LEU A 539 -5.33 -7.21 -5.18
C LEU A 539 -4.85 -6.99 -6.63
N GLY A 540 -3.55 -7.03 -6.87
CA GLY A 540 -2.91 -6.84 -8.18
C GLY A 540 -3.50 -7.78 -9.24
N GLU A 541 -3.73 -9.04 -8.86
CA GLU A 541 -4.33 -10.09 -9.72
C GLU A 541 -5.76 -9.68 -10.10
N PHE A 542 -6.59 -9.38 -9.11
CA PHE A 542 -7.99 -8.93 -9.24
C PHE A 542 -8.08 -7.78 -10.26
N PHE A 543 -7.23 -6.76 -10.13
CA PHE A 543 -7.28 -5.51 -10.93
C PHE A 543 -6.84 -5.77 -12.38
N SER A 544 -6.04 -6.81 -12.64
CA SER A 544 -5.43 -7.07 -13.97
C SER A 544 -6.34 -7.97 -14.82
N SER A 545 -7.44 -8.47 -14.25
CA SER A 545 -8.55 -9.13 -14.98
C SER A 545 -9.63 -8.10 -15.34
N MET A 546 -9.31 -6.80 -15.21
CA MET A 546 -10.16 -5.65 -15.63
C MET A 546 -9.83 -5.31 -17.10
N ASP A 547 -10.83 -5.36 -17.98
CA ASP A 547 -10.67 -5.15 -19.45
C ASP A 547 -10.58 -3.66 -19.80
N SER A 548 -11.23 -2.80 -19.02
CA SER A 548 -11.56 -1.40 -19.43
C SER A 548 -11.34 -0.43 -18.27
N PRO A 549 -11.07 0.86 -18.60
CA PRO A 549 -10.96 1.91 -17.59
C PRO A 549 -12.14 1.92 -16.61
N SER A 550 -13.36 1.84 -17.14
CA SER A 550 -14.64 1.93 -16.37
C SER A 550 -14.78 0.73 -15.42
N LYS A 551 -14.35 -0.47 -15.85
CA LYS A 551 -14.27 -1.69 -14.99
C LYS A 551 -13.31 -1.46 -13.82
N LEU A 552 -12.06 -1.08 -14.14
CA LEU A 552 -11.00 -0.79 -13.14
C LEU A 552 -11.51 0.29 -12.17
N ALA A 553 -12.19 1.31 -12.69
CA ALA A 553 -12.74 2.44 -11.91
C ALA A 553 -13.77 1.94 -10.88
N THR A 554 -14.61 0.97 -11.27
CA THR A 554 -15.61 0.36 -10.37
C THR A 554 -14.89 -0.54 -9.34
N ALA A 555 -13.89 -1.30 -9.77
CA ALA A 555 -13.08 -2.21 -8.92
C ALA A 555 -12.37 -1.40 -7.81
N SER A 556 -11.59 -0.39 -8.18
CA SER A 556 -10.78 0.44 -7.24
C SER A 556 -11.70 1.21 -6.28
N ARG A 557 -12.76 1.84 -6.79
CA ARG A 557 -13.68 2.67 -5.95
C ARG A 557 -14.38 1.79 -4.90
N PHE A 558 -14.98 0.68 -5.33
CA PHE A 558 -15.72 -0.27 -4.46
C PHE A 558 -14.77 -0.85 -3.39
N MET A 559 -13.55 -1.21 -3.80
CA MET A 559 -12.50 -1.72 -2.88
C MET A 559 -12.17 -0.65 -1.84
N ASP A 560 -11.88 0.58 -2.30
CA ASP A 560 -11.50 1.71 -1.43
C ASP A 560 -12.62 1.99 -0.43
N TYR A 561 -13.88 1.98 -0.87
CA TYR A 561 -15.03 2.43 -0.04
C TYR A 561 -15.30 1.44 1.09
N PHE A 562 -14.98 0.15 0.92
CA PHE A 562 -15.08 -0.81 2.04
C PHE A 562 -14.28 -0.26 3.22
N PHE A 563 -13.01 0.09 2.97
CA PHE A 563 -12.06 0.52 4.01
C PHE A 563 -12.38 1.96 4.44
N LYS A 564 -12.48 2.92 3.51
CA LYS A 564 -12.70 4.35 3.86
C LYS A 564 -14.11 4.56 4.40
N GLY A 565 -15.11 3.80 3.92
CA GLY A 565 -16.54 4.07 4.15
C GLY A 565 -17.13 3.29 5.31
N TYR A 566 -16.83 2.00 5.43
CA TYR A 566 -17.62 1.03 6.24
C TYR A 566 -16.87 0.55 7.48
N ILE A 567 -15.54 0.63 7.56
CA ILE A 567 -14.79 0.13 8.76
C ILE A 567 -15.24 0.90 10.01
N GLY A 568 -15.57 2.19 9.88
CA GLY A 568 -16.14 2.98 11.00
C GLY A 568 -17.42 2.35 11.52
N ALA A 569 -18.32 1.98 10.61
CA ALA A 569 -19.64 1.36 10.92
C ALA A 569 -19.42 0.01 11.59
N ILE A 570 -18.48 -0.78 11.08
CA ILE A 570 -18.14 -2.13 11.63
C ILE A 570 -17.70 -1.94 13.09
N ILE A 571 -16.84 -0.95 13.34
CA ILE A 571 -16.33 -0.61 14.71
C ILE A 571 -17.54 -0.26 15.61
N GLU A 572 -18.52 0.51 15.11
CA GLU A 572 -19.71 0.97 15.89
C GLU A 572 -20.61 -0.20 16.29
N GLY A 573 -20.50 -1.35 15.62
CA GLY A 573 -21.25 -2.57 15.93
C GLY A 573 -22.35 -2.87 14.92
N LYS A 574 -22.31 -2.25 13.74
CA LYS A 574 -23.37 -2.38 12.71
C LYS A 574 -23.26 -3.74 12.02
N PHE A 575 -24.27 -4.08 11.21
CA PHE A 575 -24.29 -5.26 10.30
C PHE A 575 -24.21 -6.57 11.10
N GLY A 576 -24.77 -6.57 12.32
CA GLY A 576 -24.79 -7.71 13.25
C GLY A 576 -25.26 -9.00 12.60
N TYR A 577 -26.27 -8.94 11.71
CA TYR A 577 -26.87 -10.12 11.05
C TYR A 577 -25.96 -10.62 9.92
N ILE A 578 -25.29 -9.71 9.21
CA ILE A 578 -24.26 -10.06 8.19
C ILE A 578 -23.09 -10.76 8.90
N ILE A 579 -22.61 -10.16 10.00
CA ILE A 579 -21.37 -10.57 10.74
C ILE A 579 -21.63 -11.90 11.47
N GLY A 580 -22.69 -11.98 12.27
CA GLY A 580 -23.08 -13.18 13.03
C GLY A 580 -22.27 -13.36 14.30
N ASP A 581 -22.15 -14.59 14.78
CA ASP A 581 -21.33 -14.97 15.97
C ASP A 581 -19.85 -14.95 15.57
N VAL A 582 -19.03 -14.14 16.24
CA VAL A 582 -17.56 -14.06 16.00
C VAL A 582 -16.83 -14.33 17.31
N PRO A 583 -15.59 -14.84 17.26
CA PRO A 583 -14.74 -14.91 18.45
C PRO A 583 -14.79 -13.58 19.21
N SER A 584 -15.13 -13.63 20.50
CA SER A 584 -15.45 -12.44 21.33
C SER A 584 -15.17 -12.73 22.80
N LEU A 585 -14.71 -11.73 23.55
CA LEU A 585 -14.42 -11.87 25.00
C LEU A 585 -15.40 -11.03 25.82
N ARG A 586 -16.24 -10.23 25.18
CA ARG A 586 -17.14 -9.30 25.90
C ARG A 586 -18.25 -8.77 24.98
N ASP A 587 -19.30 -8.26 25.60
CA ASP A 587 -20.40 -7.48 24.99
C ASP A 587 -19.76 -6.29 24.26
N TRP A 588 -20.13 -6.08 23.00
CA TRP A 588 -19.57 -4.98 22.17
C TRP A 588 -19.98 -3.65 22.78
N PRO A 589 -19.03 -2.78 23.20
CA PRO A 589 -19.40 -1.48 23.77
C PRO A 589 -20.12 -0.56 22.76
N GLU A 590 -20.89 0.39 23.25
CA GLU A 590 -21.59 1.42 22.45
C GLU A 590 -20.53 2.32 21.82
N GLU A 591 -19.47 2.62 22.58
CA GLU A 591 -18.32 3.48 22.20
C GLU A 591 -17.02 2.68 22.36
N PRO A 592 -16.66 1.81 21.38
CA PRO A 592 -15.47 0.97 21.47
C PRO A 592 -14.15 1.69 21.74
N ASP A 593 -13.28 1.03 22.51
CA ASP A 593 -11.91 1.49 22.84
C ASP A 593 -11.01 1.15 21.63
N ILE A 594 -11.22 1.89 20.55
CA ILE A 594 -10.65 1.65 19.19
C ILE A 594 -10.29 3.01 18.57
N VAL A 595 -9.09 3.10 17.98
CA VAL A 595 -8.62 4.27 17.18
C VAL A 595 -8.02 3.73 15.88
N VAL A 596 -8.53 4.19 14.74
CA VAL A 596 -7.94 3.92 13.40
C VAL A 596 -6.71 4.82 13.22
N VAL A 597 -5.62 4.24 12.75
CA VAL A 597 -4.42 4.99 12.27
C VAL A 597 -4.62 5.23 10.79
N TYR A 598 -4.98 4.17 10.05
CA TYR A 598 -5.26 4.21 8.60
C TYR A 598 -6.19 3.06 8.23
N ALA A 599 -7.16 3.35 7.35
CA ALA A 599 -8.00 2.37 6.63
C ALA A 599 -8.34 2.96 5.26
N GLY A 600 -7.82 2.37 4.18
CA GLY A 600 -7.96 2.87 2.81
C GLY A 600 -7.27 1.98 1.80
N GLY A 601 -7.68 2.12 0.53
CA GLY A 601 -7.20 1.25 -0.57
C GLY A 601 -7.66 -0.18 -0.34
N ASP A 602 -6.81 -1.00 0.29
CA ASP A 602 -7.08 -2.44 0.54
C ASP A 602 -6.51 -2.87 1.89
N ALA A 603 -6.25 -1.93 2.80
CA ALA A 603 -5.42 -2.14 4.01
C ALA A 603 -5.96 -1.36 5.20
N PHE A 604 -5.62 -1.77 6.41
CA PHE A 604 -5.99 -1.08 7.66
C PHE A 604 -4.90 -1.30 8.70
N PHE A 605 -4.71 -0.29 9.55
CA PHE A 605 -3.87 -0.33 10.77
C PHE A 605 -4.71 0.29 11.89
N ILE A 606 -5.11 -0.54 12.85
CA ILE A 606 -6.11 -0.17 13.90
C ILE A 606 -5.56 -0.64 15.25
N VAL A 607 -5.75 0.18 16.29
CA VAL A 607 -5.28 -0.11 17.67
C VAL A 607 -6.43 0.13 18.66
N GLY A 608 -6.33 -0.45 19.85
CA GLY A 608 -7.37 -0.39 20.88
C GLY A 608 -7.15 -1.43 21.95
N ALA A 609 -8.05 -1.50 22.93
CA ALA A 609 -8.13 -2.59 23.92
C ALA A 609 -7.93 -3.92 23.19
N TRP A 610 -7.07 -4.80 23.70
CA TRP A 610 -6.59 -6.01 22.99
C TRP A 610 -7.78 -6.92 22.64
N ASP A 611 -8.74 -7.08 23.56
CA ASP A 611 -9.89 -7.99 23.39
C ASP A 611 -10.84 -7.44 22.32
N GLN A 612 -10.98 -6.11 22.22
CA GLN A 612 -11.86 -5.47 21.20
C GLN A 612 -11.18 -5.57 19.84
N ILE A 613 -9.85 -5.41 19.77
CA ILE A 613 -9.07 -5.52 18.51
C ILE A 613 -9.18 -6.97 18.00
N PHE A 614 -9.01 -7.95 18.89
CA PHE A 614 -9.13 -9.40 18.59
C PHE A 614 -10.49 -9.66 17.90
N GLU A 615 -11.58 -9.21 18.53
CA GLU A 615 -12.94 -9.39 17.97
C GLU A 615 -13.06 -8.66 16.62
N LEU A 616 -12.52 -7.43 16.53
CA LEU A 616 -12.69 -6.57 15.33
C LEU A 616 -12.08 -7.22 14.08
N ALA A 617 -10.96 -7.94 14.22
CA ALA A 617 -10.35 -8.74 13.12
C ALA A 617 -11.43 -9.60 12.47
N PHE A 618 -12.22 -10.30 13.28
CA PHE A 618 -13.24 -11.28 12.82
C PHE A 618 -14.47 -10.56 12.25
N ARG A 619 -14.90 -9.46 12.88
CA ARG A 619 -16.02 -8.63 12.35
C ARG A 619 -15.65 -8.12 10.96
N VAL A 620 -14.45 -7.55 10.82
CA VAL A 620 -13.97 -6.93 9.55
C VAL A 620 -13.86 -8.03 8.48
N ARG A 621 -13.24 -9.17 8.80
CA ARG A 621 -13.08 -10.29 7.83
C ARG A 621 -14.46 -10.76 7.34
N ARG A 622 -15.46 -10.83 8.24
CA ARG A 622 -16.82 -11.30 7.89
C ARG A 622 -17.53 -10.25 7.01
N ALA A 623 -17.56 -8.99 7.44
CA ALA A 623 -18.11 -7.86 6.65
C ALA A 623 -17.51 -7.88 5.24
N PHE A 624 -16.18 -8.08 5.14
CA PHE A 624 -15.42 -8.03 3.87
C PHE A 624 -15.80 -9.21 2.97
N ASN A 625 -16.00 -10.39 3.55
CA ASN A 625 -16.42 -11.63 2.85
C ASN A 625 -17.81 -11.41 2.24
N ALA A 626 -18.72 -10.81 2.98
CA ALA A 626 -20.08 -10.47 2.49
C ALA A 626 -19.97 -9.38 1.41
N TYR A 627 -19.17 -8.34 1.67
CA TYR A 627 -18.97 -7.18 0.74
C TYR A 627 -18.46 -7.66 -0.62
N THR A 628 -17.52 -8.58 -0.58
CA THR A 628 -17.09 -9.26 -1.82
C THR A 628 -18.11 -10.39 -2.03
N GLY A 629 -17.87 -11.32 -2.94
CA GLY A 629 -18.90 -12.35 -3.11
C GLY A 629 -18.55 -13.62 -2.37
N GLY A 630 -17.59 -13.50 -1.46
CA GLY A 630 -16.92 -14.66 -0.83
C GLY A 630 -15.80 -15.09 -1.75
N LYS A 631 -15.41 -14.21 -2.69
CA LYS A 631 -14.41 -14.45 -3.74
C LYS A 631 -13.11 -13.71 -3.42
N LEU A 632 -13.13 -12.78 -2.46
CA LEU A 632 -11.88 -12.07 -2.10
C LEU A 632 -11.59 -12.35 -0.63
N THR A 633 -10.31 -12.38 -0.26
CA THR A 633 -9.89 -12.70 1.13
C THR A 633 -8.91 -11.63 1.65
N LEU A 634 -8.95 -11.41 2.97
CA LEU A 634 -7.94 -10.63 3.75
C LEU A 634 -7.01 -11.60 4.47
N SER A 635 -5.82 -11.11 4.80
CA SER A 635 -4.95 -11.69 5.85
C SER A 635 -4.71 -10.62 6.91
N VAL A 636 -4.64 -11.03 8.18
CA VAL A 636 -4.48 -10.09 9.33
C VAL A 636 -3.33 -10.58 10.23
N GLY A 637 -2.50 -9.63 10.66
CA GLY A 637 -1.53 -9.79 11.77
C GLY A 637 -2.03 -9.08 13.02
N LEU A 638 -2.20 -9.84 14.12
CA LEU A 638 -2.57 -9.28 15.44
C LEU A 638 -1.35 -9.36 16.35
N GLY A 639 -1.23 -8.39 17.26
CA GLY A 639 -0.28 -8.43 18.39
C GLY A 639 -0.84 -7.70 19.61
N TYR A 640 -0.47 -8.17 20.81
CA TYR A 640 -0.92 -7.70 22.15
C TYR A 640 0.28 -7.28 22.97
N PHE A 641 0.42 -5.98 23.23
CA PHE A 641 1.67 -5.34 23.67
C PHE A 641 1.48 -4.58 24.97
N ASP A 642 2.56 -4.52 25.74
CA ASP A 642 2.76 -3.52 26.82
C ASP A 642 2.59 -2.14 26.19
N GLU A 643 1.60 -1.37 26.68
CA GLU A 643 1.22 0.00 26.26
C GLU A 643 2.44 0.92 26.10
N ARG A 644 3.57 0.57 26.71
CA ARG A 644 4.83 1.36 26.70
C ARG A 644 5.73 0.95 25.54
N THR A 645 5.30 0.00 24.70
CA THR A 645 6.09 -0.45 23.52
C THR A 645 6.05 0.65 22.46
N PRO A 646 7.22 1.13 21.96
CA PRO A 646 7.21 2.16 20.92
C PRO A 646 6.55 1.64 19.63
N ILE A 647 5.80 2.51 18.96
CA ILE A 647 5.12 2.30 17.67
C ILE A 647 5.98 1.40 16.76
N TYR A 648 7.21 1.81 16.46
CA TYR A 648 8.08 1.19 15.42
C TYR A 648 8.16 -0.33 15.67
N ARG A 649 8.31 -0.77 16.93
CA ARG A 649 8.34 -2.21 17.29
C ARG A 649 6.99 -2.86 16.96
N MET A 650 5.92 -2.30 17.51
CA MET A 650 4.53 -2.83 17.34
C MET A 650 4.23 -3.00 15.85
N ALA A 651 4.55 -2.01 15.03
CA ALA A 651 4.33 -2.00 13.56
C ALA A 651 5.17 -3.11 12.90
N ASP A 652 6.41 -3.32 13.35
CA ASP A 652 7.31 -4.35 12.77
C ASP A 652 6.81 -5.75 13.11
N VAL A 653 6.39 -5.95 14.36
CA VAL A 653 5.90 -7.28 14.81
C VAL A 653 4.61 -7.61 14.05
N VAL A 654 3.62 -6.69 13.97
CA VAL A 654 2.33 -6.98 13.27
C VAL A 654 2.57 -7.05 11.76
N SER A 655 3.51 -6.27 11.22
CA SER A 655 3.94 -6.35 9.79
C SER A 655 4.51 -7.75 9.50
N GLU A 656 5.36 -8.26 10.40
CA GLU A 656 6.00 -9.60 10.27
C GLU A 656 4.90 -10.67 10.27
N ARG A 657 3.91 -10.53 11.16
CA ARG A 657 2.81 -11.51 11.33
C ARG A 657 1.85 -11.44 10.13
N LEU A 658 1.61 -10.26 9.57
CA LEU A 658 0.83 -10.15 8.30
C LEU A 658 1.57 -10.90 7.20
N ASP A 659 2.87 -10.64 7.04
CA ASP A 659 3.75 -11.29 6.02
C ASP A 659 3.70 -12.80 6.21
N THR A 660 3.74 -13.27 7.46
CA THR A 660 3.71 -14.72 7.83
C THR A 660 2.37 -15.31 7.37
N ALA A 661 1.26 -14.66 7.69
CA ALA A 661 -0.10 -15.09 7.29
C ALA A 661 -0.15 -15.22 5.76
N LYS A 662 0.46 -14.30 5.02
CA LYS A 662 0.46 -14.29 3.54
C LYS A 662 1.23 -15.52 3.01
N ASP A 663 2.46 -15.72 3.51
CA ASP A 663 3.40 -16.77 3.04
C ASP A 663 2.89 -18.17 3.38
N GLU A 664 2.03 -18.31 4.40
CA GLU A 664 1.46 -19.60 4.85
C GLU A 664 0.18 -19.92 4.05
N GLY A 665 -0.09 -19.16 2.98
CA GLY A 665 -1.36 -19.22 2.25
C GLY A 665 -2.24 -18.10 2.75
N ARG A 666 -2.93 -17.42 1.85
CA ARG A 666 -3.64 -16.17 2.23
C ARG A 666 -4.97 -16.59 2.88
N ASN A 667 -5.84 -15.64 3.23
CA ASN A 667 -7.10 -15.95 3.94
C ASN A 667 -6.76 -16.52 5.33
N ARG A 668 -5.76 -15.94 6.00
CA ARG A 668 -5.26 -16.42 7.32
C ARG A 668 -5.18 -15.27 8.32
N VAL A 669 -5.29 -15.58 9.61
CA VAL A 669 -5.07 -14.61 10.73
C VAL A 669 -3.96 -15.15 11.63
N PHE A 670 -2.95 -14.33 11.90
CA PHE A 670 -1.97 -14.53 13.00
C PHE A 670 -2.61 -13.98 14.27
N VAL A 671 -3.17 -14.86 15.10
CA VAL A 671 -4.05 -14.51 16.24
C VAL A 671 -3.19 -14.10 17.45
N VAL A 672 -2.10 -14.82 17.70
CA VAL A 672 -1.26 -14.66 18.91
C VAL A 672 0.11 -15.31 18.67
N GLY A 673 1.15 -14.84 19.38
CA GLY A 673 2.49 -15.44 19.36
C GLY A 673 2.44 -16.88 19.81
N ARG A 674 3.08 -17.81 19.08
CA ARG A 674 3.03 -19.28 19.34
C ARG A 674 4.39 -19.92 19.07
N SER A 675 4.66 -21.03 19.77
CA SER A 675 5.80 -21.96 19.51
C SER A 675 5.31 -23.07 18.56
N ARG A 676 6.23 -23.70 17.82
CA ARG A 676 5.90 -24.82 16.89
C ARG A 676 7.11 -25.71 16.61
N PRO A 677 6.88 -26.98 16.19
CA PRO A 677 7.93 -27.76 15.54
C PRO A 677 8.40 -27.05 14.26
N LEU A 678 9.71 -26.99 14.01
CA LEU A 678 10.26 -26.45 12.73
C LEU A 678 10.50 -27.62 11.75
N ASP A 679 9.45 -28.41 11.50
CA ASP A 679 9.51 -29.63 10.63
C ASP A 679 8.92 -29.31 9.25
N GLY A 680 8.65 -28.03 8.97
CA GLY A 680 8.07 -27.55 7.69
C GLY A 680 6.60 -27.90 7.53
N LYS A 681 5.94 -28.45 8.56
CA LYS A 681 4.51 -28.90 8.52
C LYS A 681 3.61 -28.00 9.38
N HIS A 682 4.18 -27.14 10.23
CA HIS A 682 3.43 -26.42 11.30
C HIS A 682 3.37 -24.92 11.02
N LYS A 683 2.18 -24.46 10.61
CA LYS A 683 1.89 -23.03 10.31
C LYS A 683 1.64 -22.28 11.63
N LEU A 684 2.09 -21.04 11.72
CA LEU A 684 1.90 -20.15 12.91
C LEU A 684 0.52 -19.48 12.86
N SER A 685 0.10 -19.02 11.67
CA SER A 685 -1.23 -18.38 11.44
C SER A 685 -2.31 -19.46 11.32
N TYR A 686 -3.57 -19.06 11.45
CA TYR A 686 -4.76 -19.92 11.23
C TYR A 686 -5.54 -19.43 10.01
N GLU A 687 -6.03 -20.36 9.19
CA GLU A 687 -7.17 -20.14 8.26
C GLU A 687 -8.33 -19.58 9.08
N TRP A 688 -9.00 -18.52 8.62
CA TRP A 688 -10.04 -17.79 9.39
C TRP A 688 -11.11 -18.77 9.90
N ASN A 689 -11.65 -19.61 9.02
CA ASN A 689 -12.77 -20.55 9.34
C ASN A 689 -12.30 -21.57 10.39
N HIS A 690 -11.08 -22.09 10.22
CA HIS A 690 -10.44 -23.04 11.18
C HIS A 690 -10.41 -22.40 12.58
N TYR A 691 -9.90 -21.17 12.74
CA TYR A 691 -9.85 -20.50 14.07
C TYR A 691 -11.28 -20.32 14.61
N GLU A 692 -12.21 -19.94 13.75
CA GLU A 692 -13.62 -19.66 14.16
C GLU A 692 -14.27 -20.95 14.66
N GLU A 693 -13.99 -22.10 14.02
CA GLU A 693 -14.52 -23.41 14.47
C GLU A 693 -13.87 -23.78 15.80
N LEU A 694 -12.54 -23.64 15.93
CA LEU A 694 -11.83 -23.89 17.21
C LEU A 694 -12.52 -23.07 18.32
N TRP A 695 -12.78 -21.78 18.08
CA TRP A 695 -13.38 -20.88 19.10
C TRP A 695 -14.76 -21.38 19.52
N ARG A 696 -15.66 -21.60 18.54
CA ARG A 696 -17.00 -22.21 18.72
C ARG A 696 -16.94 -23.48 19.57
N THR A 697 -15.99 -24.37 19.26
CA THR A 697 -15.83 -25.71 19.87
C THR A 697 -15.36 -25.59 21.32
N TYR A 698 -14.31 -24.82 21.61
CA TYR A 698 -13.59 -24.85 22.91
C TYR A 698 -14.01 -23.71 23.86
N ALA A 699 -14.26 -22.49 23.37
CA ALA A 699 -14.46 -21.29 24.23
C ALA A 699 -15.66 -21.43 25.15
N PRO A 700 -16.86 -21.86 24.69
CA PRO A 700 -18.03 -21.96 25.56
C PRO A 700 -17.90 -23.01 26.69
N ARG A 701 -17.02 -24.01 26.53
CA ARG A 701 -16.80 -25.07 27.57
C ARG A 701 -15.98 -24.52 28.74
N ILE A 702 -15.20 -23.44 28.53
CA ILE A 702 -14.20 -22.93 29.53
C ILE A 702 -14.45 -21.46 29.90
N TYR A 703 -15.14 -20.68 29.06
CA TYR A 703 -15.27 -19.20 29.18
C TYR A 703 -16.75 -18.81 29.25
N ALA A 704 -17.12 -18.07 30.31
CA ALA A 704 -18.51 -17.57 30.54
C ALA A 704 -18.75 -16.28 29.74
N GLY A 705 -17.72 -15.44 29.57
CA GLY A 705 -17.82 -14.10 28.95
C GLY A 705 -17.38 -13.00 29.91
N ASN A 706 -17.15 -11.80 29.38
CA ASN A 706 -16.89 -10.55 30.17
C ASN A 706 -15.88 -10.81 31.29
N GLY A 707 -14.75 -11.43 30.94
CA GLY A 707 -13.58 -11.63 31.82
C GLY A 707 -13.74 -12.83 32.73
N ARG A 708 -14.69 -13.73 32.46
CA ARG A 708 -15.14 -14.76 33.43
C ARG A 708 -15.04 -16.17 32.85
N LEU A 709 -14.24 -17.00 33.53
CA LEU A 709 -14.14 -18.46 33.37
C LEU A 709 -15.48 -19.07 33.79
N LYS A 710 -15.85 -20.23 33.24
CA LYS A 710 -16.98 -21.06 33.72
C LYS A 710 -16.79 -21.39 35.21
N GLY A 711 -17.88 -21.64 35.93
CA GLY A 711 -17.87 -22.04 37.35
C GLY A 711 -17.10 -23.32 37.58
N LYS A 712 -17.30 -24.33 36.73
CA LYS A 712 -16.51 -25.59 36.69
C LYS A 712 -15.02 -25.29 36.96
N LEU A 713 -14.48 -24.25 36.31
CA LEU A 713 -13.03 -24.05 36.09
C LEU A 713 -12.44 -23.02 37.07
N GLU A 714 -13.25 -22.49 37.98
CA GLU A 714 -12.70 -21.51 38.93
C GLU A 714 -11.61 -22.16 39.78
N SER A 715 -11.81 -23.39 40.23
CA SER A 715 -10.78 -24.06 41.07
C SER A 715 -9.87 -24.96 40.24
N LYS A 716 -10.13 -25.09 38.93
CA LYS A 716 -9.34 -25.99 38.06
C LYS A 716 -8.65 -25.22 36.94
N LYS A 717 -8.53 -23.91 37.09
CA LYS A 717 -7.86 -23.04 36.07
C LYS A 717 -6.54 -23.71 35.64
N GLY A 718 -6.01 -24.61 36.49
CA GLY A 718 -4.76 -25.37 36.29
C GLY A 718 -4.83 -26.32 35.10
N LEU A 719 -5.99 -26.93 34.83
CA LEU A 719 -6.22 -27.78 33.63
C LEU A 719 -5.73 -27.06 32.36
N LEU A 720 -6.02 -25.75 32.26
CA LEU A 720 -5.74 -24.93 31.06
C LEU A 720 -4.22 -24.78 30.88
N TRP A 721 -3.48 -24.47 31.95
CA TRP A 721 -2.00 -24.35 31.90
C TRP A 721 -1.39 -25.71 31.58
N LYS A 722 -1.94 -26.80 32.13
CA LYS A 722 -1.40 -28.17 31.92
C LYS A 722 -1.50 -28.53 30.43
N LEU A 723 -2.61 -28.20 29.77
CA LEU A 723 -2.80 -28.46 28.31
C LEU A 723 -1.71 -27.74 27.51
N LEU A 724 -1.40 -26.49 27.87
CA LEU A 724 -0.31 -25.71 27.22
C LEU A 724 1.05 -26.36 27.49
N GLU A 725 1.26 -26.91 28.69
CA GLU A 725 2.54 -27.59 29.07
C GLU A 725 2.66 -28.87 28.23
N ILE A 726 1.56 -29.62 28.11
CA ILE A 726 1.47 -30.83 27.24
C ILE A 726 1.77 -30.43 25.79
N ARG A 727 1.21 -29.31 25.31
CA ARG A 727 1.40 -28.83 23.91
C ARG A 727 2.87 -28.51 23.67
N GLU A 728 3.61 -28.09 24.70
CA GLU A 728 5.05 -27.74 24.56
C GLU A 728 5.88 -29.02 24.31
N LEU A 729 5.45 -30.16 24.84
CA LEU A 729 6.15 -31.46 24.68
C LEU A 729 5.81 -32.08 23.32
N TYR A 730 4.70 -31.66 22.71
CA TYR A 730 4.37 -31.96 21.29
C TYR A 730 5.24 -31.08 20.37
N VAL A 731 5.50 -29.84 20.77
CA VAL A 731 6.35 -28.89 20.00
C VAL A 731 7.81 -29.36 20.06
N ARG A 732 8.28 -29.81 21.23
CA ARG A 732 9.66 -30.35 21.44
C ARG A 732 9.92 -31.44 20.40
N ASP A 733 8.98 -32.36 20.24
CA ASP A 733 9.03 -33.46 19.24
C ASP A 733 7.61 -33.92 18.95
N PRO A 734 7.02 -33.54 17.79
CA PRO A 734 5.69 -34.04 17.41
C PRO A 734 5.63 -35.56 17.22
N ASN A 735 6.78 -36.21 17.12
CA ASN A 735 6.90 -37.67 16.79
C ASN A 735 6.93 -38.48 18.09
N ASP A 736 7.49 -37.94 19.18
CA ASP A 736 7.52 -38.58 20.53
C ASP A 736 6.11 -38.55 21.13
N VAL A 737 5.57 -39.72 21.46
CA VAL A 737 4.11 -39.97 21.68
C VAL A 737 3.81 -39.88 23.19
N ARG A 738 4.68 -39.27 23.98
CA ARG A 738 4.48 -39.02 25.44
C ARG A 738 3.23 -38.15 25.63
N TRP A 739 3.11 -37.04 24.89
CA TRP A 739 2.04 -36.02 25.04
C TRP A 739 0.66 -36.71 25.11
N ALA A 740 0.49 -37.82 24.38
CA ALA A 740 -0.78 -38.56 24.22
C ALA A 740 -1.13 -39.34 25.50
N TYR A 741 -0.13 -39.93 26.16
CA TYR A 741 -0.28 -40.61 27.48
C TYR A 741 -0.80 -39.57 28.50
N LEU A 742 -0.18 -38.38 28.51
CA LEU A 742 -0.50 -37.29 29.48
C LEU A 742 -1.94 -36.80 29.27
N THR A 743 -2.38 -36.62 28.01
CA THR A 743 -3.72 -36.06 27.66
C THR A 743 -4.84 -37.00 28.16
N ALA A 744 -4.65 -38.32 28.04
CA ALA A 744 -5.62 -39.36 28.45
C ALA A 744 -5.81 -39.35 29.97
N TYR A 745 -4.70 -39.22 30.72
CA TYR A 745 -4.61 -39.38 32.20
C TYR A 745 -5.43 -38.31 32.94
N LEU A 746 -5.39 -37.05 32.48
CA LEU A 746 -6.02 -35.90 33.19
C LEU A 746 -7.18 -35.30 32.39
N LEU A 747 -7.71 -36.01 31.39
CA LEU A 747 -8.97 -35.64 30.67
C LEU A 747 -9.73 -36.90 30.28
N ASP A 754 -13.32 -34.97 30.58
CA ASP A 754 -14.18 -35.02 29.36
C ASP A 754 -14.52 -33.58 28.92
N LEU A 755 -13.53 -32.69 28.98
CA LEU A 755 -13.63 -31.24 28.66
C LEU A 755 -12.98 -30.96 27.30
N PHE A 756 -11.95 -31.74 26.95
CA PHE A 756 -11.24 -31.73 25.65
C PHE A 756 -11.09 -33.16 25.13
N PRO A 757 -12.18 -33.83 24.69
CA PRO A 757 -12.10 -35.20 24.19
C PRO A 757 -11.34 -35.36 22.86
N GLU A 758 -11.35 -34.34 22.00
CA GLU A 758 -10.77 -34.44 20.64
C GLU A 758 -9.24 -34.31 20.71
N LEU A 759 -8.68 -34.11 21.90
CA LEU A 759 -7.20 -34.01 22.14
C LEU A 759 -6.65 -35.32 22.75
N VAL A 760 -7.50 -36.24 23.23
CA VAL A 760 -7.03 -37.45 23.97
C VAL A 760 -6.42 -38.44 22.97
N GLY A 761 -7.16 -38.82 21.94
CA GLY A 761 -6.62 -39.80 20.99
C GLY A 761 -5.68 -39.20 19.96
N ILE A 762 -4.73 -39.99 19.47
CA ILE A 762 -3.84 -39.52 18.38
C ILE A 762 -4.71 -39.50 17.12
N ASP A 763 -4.67 -38.43 16.33
CA ASP A 763 -5.53 -38.44 15.13
C ASP A 763 -4.68 -38.90 13.95
N THR A 764 -4.93 -40.12 13.48
CA THR A 764 -4.19 -40.70 12.33
C THR A 764 -4.52 -39.90 11.08
N LYS A 765 -5.80 -39.54 10.95
CA LYS A 765 -6.28 -38.76 9.76
C LYS A 765 -5.31 -37.62 9.47
N ALA A 766 -4.90 -36.88 10.51
CA ALA A 766 -3.93 -35.78 10.46
C ALA A 766 -2.54 -36.33 10.08
N VAL A 767 -2.15 -37.46 10.66
CA VAL A 767 -0.80 -38.10 10.49
C VAL A 767 -0.61 -38.42 8.99
N GLU A 768 -1.57 -39.12 8.38
CA GLU A 768 -1.52 -39.55 6.96
C GLU A 768 -1.57 -38.32 6.03
N ARG A 769 -2.37 -37.30 6.38
CA ARG A 769 -2.53 -36.05 5.58
C ARG A 769 -1.31 -35.13 5.75
N LYS A 770 -0.36 -35.48 6.60
CA LYS A 770 0.91 -34.72 6.81
C LYS A 770 0.58 -33.37 7.46
N GLU A 771 -0.29 -33.37 8.46
CA GLU A 771 -0.79 -32.15 9.15
C GLU A 771 -0.62 -32.31 10.66
N PRO A 772 -0.71 -31.21 11.45
CA PRO A 772 -0.47 -31.28 12.89
C PRO A 772 -1.59 -32.00 13.65
N GLN A 773 -1.27 -32.49 14.85
CA GLN A 773 -2.25 -33.05 15.82
C GLN A 773 -3.12 -31.92 16.36
N PRO A 774 -4.41 -32.17 16.68
CA PRO A 774 -5.31 -31.12 17.17
C PRO A 774 -4.72 -30.28 18.32
N VAL A 775 -3.96 -30.92 19.22
CA VAL A 775 -3.30 -30.28 20.40
C VAL A 775 -2.51 -29.06 19.92
N TYR A 776 -1.89 -29.15 18.74
CA TYR A 776 -1.06 -28.06 18.17
C TYR A 776 -1.86 -26.75 18.12
N TRP A 777 -3.14 -26.84 17.75
CA TRP A 777 -3.99 -25.68 17.37
C TRP A 777 -4.61 -25.01 18.60
N VAL A 778 -4.74 -25.73 19.71
CA VAL A 778 -5.63 -25.35 20.84
C VAL A 778 -5.09 -24.11 21.57
N ASP A 779 -3.78 -23.82 21.50
CA ASP A 779 -3.17 -22.68 22.23
C ASP A 779 -3.82 -21.37 21.78
N GLY A 780 -4.18 -21.27 20.50
CA GLY A 780 -4.82 -20.09 19.90
C GLY A 780 -6.04 -19.64 20.69
N VAL A 781 -6.80 -20.59 21.24
CA VAL A 781 -8.02 -20.31 22.05
C VAL A 781 -7.62 -20.13 23.53
N LEU A 782 -6.81 -21.03 24.08
CA LEU A 782 -6.50 -21.07 25.54
C LEU A 782 -5.75 -19.80 25.93
N LYS A 783 -4.74 -19.40 25.15
CA LYS A 783 -3.90 -18.22 25.51
C LYS A 783 -4.82 -17.00 25.58
N ILE A 784 -5.79 -16.87 24.65
CA ILE A 784 -6.73 -15.71 24.56
C ILE A 784 -7.65 -15.71 25.80
N VAL A 785 -8.25 -16.85 26.13
CA VAL A 785 -9.11 -16.99 27.35
C VAL A 785 -8.30 -16.59 28.59
N LEU A 786 -7.07 -17.10 28.72
CA LEU A 786 -6.24 -16.86 29.93
C LEU A 786 -5.87 -15.37 30.03
N MET A 787 -5.68 -14.69 28.90
CA MET A 787 -5.46 -13.21 28.89
C MET A 787 -6.73 -12.52 29.41
N ALA A 788 -7.91 -12.95 28.97
CA ALA A 788 -9.21 -12.32 29.26
C ALA A 788 -9.54 -12.42 30.76
N VAL A 789 -9.04 -13.48 31.41
CA VAL A 789 -9.53 -13.97 32.73
C VAL A 789 -8.54 -13.61 33.85
N ARG A 790 -7.39 -12.99 33.52
CA ARG A 790 -6.40 -12.47 34.50
C ARG A 790 -6.91 -11.15 35.09
N PRO B 2 36.85 -12.41 -10.63
CA PRO B 2 38.24 -12.43 -10.16
C PRO B 2 38.40 -13.29 -8.89
N LYS B 3 39.61 -13.31 -8.32
CA LYS B 3 39.89 -13.95 -7.02
C LYS B 3 40.18 -12.85 -5.99
N PHE B 4 39.85 -13.14 -4.73
CA PHE B 4 39.88 -12.18 -3.58
C PHE B 4 40.38 -12.91 -2.34
N ILE B 5 40.73 -12.15 -1.32
CA ILE B 5 40.93 -12.68 0.06
C ILE B 5 39.64 -12.41 0.84
N ALA B 6 38.99 -13.48 1.28
CA ALA B 6 37.87 -13.46 2.26
C ALA B 6 38.46 -13.41 3.66
N VAL B 7 38.06 -12.42 4.43
CA VAL B 7 38.40 -12.29 5.87
C VAL B 7 37.18 -12.78 6.64
N LYS B 8 37.24 -13.98 7.22
CA LYS B 8 36.17 -14.55 8.07
C LYS B 8 36.32 -14.00 9.49
N LEU B 9 35.29 -13.31 9.99
CA LEU B 9 35.16 -12.96 11.41
C LEU B 9 34.39 -14.10 12.09
N ILE B 10 35.08 -14.93 12.88
CA ILE B 10 34.45 -16.04 13.66
C ILE B 10 34.02 -15.46 15.01
N PRO B 11 32.70 -15.30 15.24
CA PRO B 11 32.20 -14.55 16.39
C PRO B 11 32.33 -15.36 17.70
N LYS B 12 32.80 -14.70 18.76
CA LYS B 12 32.86 -15.23 20.14
C LYS B 12 31.78 -14.52 20.97
N GLY B 13 30.52 -14.62 20.53
CA GLY B 13 29.35 -13.97 21.15
C GLY B 13 28.54 -13.15 20.15
N PRO B 14 27.44 -12.49 20.59
CA PRO B 14 26.62 -11.66 19.70
C PRO B 14 27.35 -10.40 19.20
N PHE B 15 27.03 -9.97 17.97
CA PHE B 15 27.48 -8.71 17.34
C PHE B 15 26.34 -7.70 17.46
N ARG B 16 26.63 -6.40 17.33
CA ARG B 16 25.63 -5.30 17.40
C ARG B 16 25.11 -4.98 15.99
N ASP B 17 25.96 -5.18 14.98
CA ASP B 17 25.68 -4.82 13.56
C ASP B 17 26.47 -5.77 12.66
N ILE B 18 25.94 -6.07 11.47
CA ILE B 18 26.75 -6.59 10.33
C ILE B 18 27.42 -5.38 9.70
N PRO B 19 28.74 -5.17 9.90
CA PRO B 19 29.39 -3.92 9.51
C PRO B 19 29.49 -3.78 7.99
N ARG B 20 29.21 -2.59 7.46
CA ARG B 20 29.42 -2.29 6.02
C ARG B 20 30.78 -1.61 5.86
N ALA B 21 31.20 -1.44 4.60
CA ALA B 21 32.60 -1.11 4.21
C ALA B 21 33.07 0.15 4.92
N ASP B 22 32.21 1.17 5.06
CA ASP B 22 32.58 2.48 5.64
C ASP B 22 33.00 2.29 7.11
N THR B 23 32.38 1.37 7.84
CA THR B 23 32.69 1.14 9.28
C THR B 23 33.86 0.15 9.38
N LEU B 24 33.99 -0.82 8.47
CA LEU B 24 35.17 -1.71 8.43
C LEU B 24 36.43 -0.85 8.17
N PHE B 25 36.39 0.02 7.17
CA PHE B 25 37.51 0.96 6.89
C PHE B 25 37.78 1.82 8.13
N GLY B 26 36.72 2.38 8.73
CA GLY B 26 36.81 3.18 9.97
C GLY B 26 37.61 2.45 11.03
N ALA B 27 37.20 1.24 11.40
CA ALA B 27 37.80 0.41 12.46
C ALA B 27 39.26 0.07 12.08
N ILE B 28 39.50 -0.35 10.84
CA ILE B 28 40.85 -0.75 10.34
C ILE B 28 41.78 0.46 10.42
N GLY B 29 41.36 1.60 9.89
CA GLY B 29 42.11 2.88 9.96
C GLY B 29 42.47 3.22 11.40
N ASN B 30 41.51 3.10 12.31
CA ASN B 30 41.66 3.37 13.76
C ASN B 30 42.74 2.47 14.37
N ALA B 31 42.60 1.15 14.16
CA ALA B 31 43.52 0.12 14.69
C ALA B 31 44.96 0.46 14.24
N ILE B 32 45.14 0.75 12.96
CA ILE B 32 46.46 1.03 12.33
C ILE B 32 47.08 2.29 12.96
N SER B 33 46.25 3.25 13.37
CA SER B 33 46.66 4.49 14.06
C SER B 33 47.27 4.13 15.42
N ALA B 34 46.63 3.20 16.14
CA ALA B 34 47.01 2.70 17.48
C ALA B 34 48.28 1.85 17.43
N ILE B 35 48.61 1.28 16.26
CA ILE B 35 49.72 0.31 16.10
C ILE B 35 50.93 0.96 15.42
N HIS B 36 50.75 1.65 14.29
CA HIS B 36 51.86 2.17 13.43
C HIS B 36 51.82 3.70 13.27
N GLY B 37 50.85 4.40 13.88
CA GLY B 37 50.72 5.87 13.77
C GLY B 37 50.14 6.32 12.44
N GLN B 38 50.00 7.64 12.26
CA GLN B 38 49.21 8.24 11.15
C GLN B 38 49.95 8.06 9.82
N SER B 39 51.28 8.05 9.84
CA SER B 39 52.17 7.61 8.73
C SER B 39 51.51 6.44 7.99
N ALA B 40 51.12 5.41 8.74
CA ALA B 40 50.57 4.13 8.24
C ALA B 40 49.13 4.31 7.75
N VAL B 41 48.32 5.13 8.44
CA VAL B 41 46.93 5.47 7.99
C VAL B 41 47.03 6.08 6.60
N GLU B 42 47.98 7.01 6.40
CA GLU B 42 48.18 7.75 5.12
C GLU B 42 48.48 6.76 3.99
N GLU B 43 49.23 5.69 4.29
CA GLU B 43 49.68 4.67 3.30
C GLU B 43 48.50 3.77 2.94
N LEU B 44 47.70 3.39 3.95
CA LEU B 44 46.47 2.59 3.77
C LEU B 44 45.53 3.34 2.80
N VAL B 45 45.29 4.62 3.06
CA VAL B 45 44.44 5.49 2.19
C VAL B 45 45.02 5.47 0.77
N ASP B 46 46.34 5.65 0.63
CA ASP B 46 47.03 5.70 -0.69
C ASP B 46 46.75 4.41 -1.46
N ALA B 47 46.86 3.25 -0.79
CA ALA B 47 46.66 1.91 -1.41
C ALA B 47 45.23 1.79 -1.92
N PHE B 48 44.25 2.31 -1.17
CA PHE B 48 42.81 2.22 -1.53
C PHE B 48 42.53 3.16 -2.71
N VAL B 49 42.94 4.42 -2.61
CA VAL B 49 42.83 5.41 -3.72
C VAL B 49 43.51 4.82 -4.96
N GLY B 50 44.62 4.09 -4.75
CA GLY B 50 45.45 3.50 -5.81
C GLY B 50 44.86 2.26 -6.45
N GLY B 51 43.78 1.67 -5.91
CA GLY B 51 43.08 0.56 -6.58
C GLY B 51 42.60 -0.54 -5.64
N ALA B 52 43.20 -0.66 -4.45
CA ALA B 52 42.78 -1.60 -3.38
C ALA B 52 41.31 -1.32 -3.04
N ARG B 53 40.58 -2.35 -2.60
CA ARG B 53 39.14 -2.27 -2.22
C ARG B 53 38.82 -3.28 -1.12
N ILE B 54 37.92 -2.93 -0.21
CA ILE B 54 37.22 -3.92 0.68
C ILE B 54 35.71 -3.84 0.42
N SER B 55 35.03 -4.99 0.54
CA SER B 55 33.55 -5.10 0.50
C SER B 55 32.99 -4.80 1.89
N SER B 56 31.67 -4.69 2.00
CA SER B 56 30.94 -4.74 3.28
C SER B 56 30.96 -6.18 3.76
N ALA B 57 30.69 -6.41 5.05
CA ALA B 57 30.62 -7.76 5.63
C ALA B 57 29.29 -8.40 5.25
N PHE B 58 29.33 -9.68 4.91
CA PHE B 58 28.18 -10.52 4.52
C PHE B 58 28.18 -11.79 5.37
N PRO B 59 27.02 -12.46 5.54
CA PRO B 59 26.97 -13.73 6.26
C PRO B 59 27.76 -14.82 5.53
N TYR B 60 28.32 -15.75 6.30
CA TYR B 60 28.68 -17.11 5.84
C TYR B 60 28.02 -18.11 6.79
N SER B 61 27.71 -19.31 6.29
CA SER B 61 27.29 -20.50 7.08
C SER B 61 28.12 -21.70 6.62
N GLY B 62 28.96 -22.24 7.52
CA GLY B 62 29.91 -23.32 7.21
C GLY B 62 30.77 -22.94 6.01
N ASP B 63 30.57 -23.62 4.88
CA ASP B 63 31.36 -23.43 3.64
C ASP B 63 30.54 -22.64 2.62
N THR B 64 29.38 -22.11 3.02
CA THR B 64 28.49 -21.27 2.16
C THR B 64 28.78 -19.79 2.42
N TYR B 65 29.14 -19.06 1.35
CA TYR B 65 29.32 -17.59 1.35
C TYR B 65 28.09 -16.94 0.71
N TYR B 66 27.50 -15.95 1.38
CA TYR B 66 26.38 -15.14 0.84
C TYR B 66 26.92 -13.81 0.32
N LEU B 67 26.31 -13.31 -0.75
CA LEU B 67 26.63 -12.02 -1.41
C LEU B 67 25.34 -11.25 -1.64
N PRO B 68 25.40 -9.90 -1.72
CA PRO B 68 24.21 -9.08 -1.90
C PRO B 68 23.55 -9.35 -3.26
N LYS B 69 22.23 -9.42 -3.27
CA LYS B 69 21.40 -9.64 -4.48
C LYS B 69 21.50 -8.38 -5.32
N PRO B 70 22.03 -8.47 -6.57
CA PRO B 70 22.16 -7.28 -7.41
C PRO B 70 20.78 -6.72 -7.77
N LEU B 71 20.61 -5.41 -7.69
CA LEU B 71 19.32 -4.71 -7.95
C LEU B 71 18.96 -4.84 -9.43
N SER B 72 19.91 -5.31 -10.25
CA SER B 72 19.74 -5.55 -11.71
C SER B 72 18.63 -6.57 -11.98
N VAL B 73 18.42 -7.55 -11.09
CA VAL B 73 17.47 -8.69 -11.33
C VAL B 73 16.03 -8.27 -11.03
N GLU B 74 15.81 -7.22 -10.23
CA GLU B 74 14.45 -6.80 -9.76
C GLU B 74 13.59 -6.42 -10.96
N PRO B 75 14.07 -5.54 -11.88
CA PRO B 75 13.30 -5.17 -13.07
C PRO B 75 13.17 -6.31 -14.08
N ALA B 76 14.03 -7.33 -13.97
CA ALA B 76 14.15 -8.48 -14.91
C ALA B 76 13.29 -9.67 -14.47
N LEU B 77 12.73 -9.66 -13.25
CA LEU B 77 12.13 -10.87 -12.62
C LEU B 77 11.12 -11.54 -13.58
N GLU B 78 10.57 -10.79 -14.55
CA GLU B 78 9.73 -11.32 -15.66
C GLU B 78 10.63 -11.89 -16.76
N GLY B 79 11.31 -13.01 -16.49
CA GLY B 79 12.19 -13.73 -17.42
C GLY B 79 12.07 -15.23 -17.26
N ASP B 85 3.69 -19.67 -14.34
CA ASP B 85 2.33 -19.66 -13.72
C ASP B 85 1.86 -18.21 -13.58
N GLU B 86 0.62 -18.00 -13.11
CA GLU B 86 0.06 -16.67 -12.73
C GLU B 86 0.21 -16.48 -11.20
N GLU B 87 -0.08 -17.53 -10.44
CA GLU B 87 -0.09 -17.46 -8.96
C GLU B 87 1.28 -17.85 -8.39
N GLU B 88 2.20 -18.23 -9.27
CA GLU B 88 3.57 -18.58 -8.80
C GLU B 88 4.48 -17.39 -9.09
N ARG B 89 4.22 -16.67 -10.19
CA ARG B 89 5.11 -15.54 -10.52
C ARG B 89 5.04 -14.49 -9.42
N TYR B 90 3.82 -14.08 -9.08
CA TYR B 90 3.64 -12.98 -8.10
C TYR B 90 4.25 -13.40 -6.77
N THR B 91 3.93 -14.62 -6.37
CA THR B 91 4.42 -15.11 -5.05
C THR B 91 5.93 -15.26 -5.01
N THR B 92 6.55 -15.89 -6.01
CA THR B 92 8.02 -16.05 -5.92
C THR B 92 8.63 -14.66 -6.05
N ALA B 93 8.11 -13.92 -7.02
CA ALA B 93 8.58 -12.57 -7.37
C ALA B 93 8.68 -11.66 -6.12
N LYS B 94 7.79 -11.86 -5.14
CA LYS B 94 7.76 -11.05 -3.89
C LYS B 94 8.80 -11.58 -2.89
N ARG B 95 9.30 -12.81 -3.08
CA ARG B 95 10.39 -13.41 -2.25
C ARG B 95 11.76 -13.07 -2.87
N LEU B 96 11.83 -12.94 -4.19
CA LEU B 96 13.06 -12.48 -4.89
C LEU B 96 13.29 -11.01 -4.52
N ARG B 97 12.23 -10.21 -4.45
CA ARG B 97 12.29 -8.76 -4.14
C ARG B 97 12.64 -8.56 -2.66
N LYS B 98 12.32 -9.53 -1.79
CA LYS B 98 12.55 -9.43 -0.32
C LYS B 98 13.95 -9.95 0.04
N ALA B 99 14.53 -10.85 -0.76
CA ALA B 99 15.83 -11.49 -0.49
C ALA B 99 16.95 -10.44 -0.53
N LYS B 100 17.77 -10.39 0.52
CA LYS B 100 18.92 -9.46 0.66
C LYS B 100 20.18 -10.14 0.12
N TYR B 101 20.21 -11.48 0.11
CA TYR B 101 21.42 -12.30 -0.11
C TYR B 101 21.13 -13.47 -1.05
N LEU B 102 22.12 -13.80 -1.90
CA LEU B 102 22.22 -15.09 -2.64
C LEU B 102 23.54 -15.76 -2.25
N ASP B 103 23.61 -17.08 -2.34
CA ASP B 103 24.87 -17.86 -2.16
C ASP B 103 25.77 -17.54 -3.37
N LEU B 104 27.06 -17.90 -3.29
CA LEU B 104 28.05 -17.55 -4.34
C LEU B 104 27.51 -17.98 -5.72
N LYS B 105 27.13 -19.24 -5.87
CA LYS B 105 26.72 -19.90 -7.14
C LYS B 105 25.54 -19.14 -7.77
N ASN B 106 24.51 -18.86 -6.97
CA ASN B 106 23.26 -18.18 -7.39
C ASN B 106 23.52 -16.68 -7.65
N PHE B 107 24.46 -16.07 -6.92
CA PHE B 107 24.92 -14.69 -7.16
C PHE B 107 25.52 -14.59 -8.56
N GLU B 108 26.33 -15.59 -8.95
CA GLU B 108 27.05 -15.60 -10.26
C GLU B 108 26.05 -15.76 -11.41
N LEU B 109 24.97 -16.52 -11.16
CA LEU B 109 23.86 -16.71 -12.14
C LEU B 109 23.08 -15.41 -12.33
N ALA B 110 22.70 -14.74 -11.23
CA ALA B 110 21.97 -13.44 -11.23
C ALA B 110 22.75 -12.41 -12.06
N LEU B 111 24.09 -12.39 -11.94
CA LEU B 111 24.97 -11.42 -12.66
C LEU B 111 24.79 -11.56 -14.17
N ARG B 112 24.57 -12.79 -14.66
CA ARG B 112 24.42 -13.12 -16.10
C ARG B 112 22.93 -13.18 -16.50
N LEU B 113 22.03 -12.78 -15.59
CA LEU B 113 20.56 -12.71 -15.80
C LEU B 113 20.02 -14.08 -16.17
N ARG B 114 20.55 -15.13 -15.54
CA ARG B 114 20.08 -16.52 -15.69
C ARG B 114 19.23 -16.86 -14.48
N PRO B 115 18.35 -17.88 -14.54
CA PRO B 115 17.54 -18.25 -13.37
C PRO B 115 18.47 -18.71 -12.24
N PHE B 116 18.06 -18.40 -11.01
CA PHE B 116 18.80 -18.67 -9.76
C PHE B 116 17.78 -18.89 -8.66
N THR B 117 18.16 -19.54 -7.56
CA THR B 117 17.28 -19.75 -6.37
C THR B 117 17.79 -18.89 -5.20
N ILE B 118 16.87 -18.56 -4.29
CA ILE B 118 17.09 -17.74 -3.07
C ILE B 118 17.49 -18.67 -1.94
N PRO B 119 18.31 -18.24 -0.96
CA PRO B 119 18.45 -18.98 0.30
C PRO B 119 17.10 -19.07 1.01
N GLU B 120 16.87 -20.17 1.74
CA GLU B 120 15.63 -20.41 2.53
C GLU B 120 15.87 -19.93 3.97
N GLU B 121 17.07 -20.24 4.50
CA GLU B 121 17.57 -19.76 5.82
C GLU B 121 18.66 -18.71 5.60
N ILE B 122 18.72 -17.69 6.46
CA ILE B 122 19.88 -16.77 6.62
C ILE B 122 20.56 -17.14 7.93
N PRO B 123 21.89 -17.39 7.95
CA PRO B 123 22.56 -17.93 9.13
C PRO B 123 22.71 -16.97 10.31
N TYR B 124 21.88 -15.92 10.37
CA TYR B 124 21.82 -15.00 11.54
C TYR B 124 20.37 -14.55 11.77
N ALA B 125 20.17 -13.87 12.90
CA ALA B 125 18.87 -13.37 13.41
C ALA B 125 19.11 -12.02 14.09
N ARG B 126 18.46 -10.96 13.61
CA ARG B 126 18.37 -9.68 14.34
C ARG B 126 17.38 -9.89 15.48
N VAL B 127 17.76 -9.44 16.68
CA VAL B 127 17.02 -9.69 17.95
C VAL B 127 16.93 -8.36 18.70
N ASP B 128 15.73 -7.80 18.82
CA ASP B 128 15.46 -6.58 19.63
C ASP B 128 15.25 -7.05 21.08
N VAL B 129 16.26 -6.85 21.93
CA VAL B 129 16.23 -7.17 23.39
C VAL B 129 15.63 -5.97 24.12
N PRO B 130 14.52 -6.16 24.87
CA PRO B 130 13.86 -5.06 25.57
C PRO B 130 14.37 -4.87 27.01
N ARG B 131 14.34 -3.63 27.50
CA ARG B 131 14.62 -3.30 28.92
C ARG B 131 13.75 -2.10 29.31
N VAL B 132 13.21 -2.15 30.53
CA VAL B 132 12.37 -1.06 31.12
C VAL B 132 13.32 0.04 31.60
N VAL B 133 13.11 1.29 31.16
CA VAL B 133 13.94 2.45 31.57
C VAL B 133 13.18 3.27 32.63
N LEU B 134 13.40 2.89 33.89
CA LEU B 134 13.23 3.72 35.13
C LEU B 134 13.73 5.15 34.87
N ASP B 140 8.59 8.32 35.08
CA ASP B 140 7.85 7.42 34.15
C ASP B 140 8.76 6.27 33.69
N SER B 141 8.14 5.14 33.30
CA SER B 141 8.82 3.97 32.70
C SER B 141 8.52 3.92 31.20
N SER B 142 9.52 3.56 30.42
CA SER B 142 9.43 3.32 28.95
C SER B 142 10.16 2.01 28.62
N ILE B 143 9.91 1.45 27.44
CA ILE B 143 10.63 0.25 26.93
C ILE B 143 11.55 0.71 25.78
N TYR B 144 12.84 0.36 25.86
CA TYR B 144 13.85 0.55 24.78
C TYR B 144 14.37 -0.82 24.34
N PHE B 145 14.86 -0.88 23.10
CA PHE B 145 15.38 -2.10 22.45
C PHE B 145 16.84 -1.88 22.05
N TRP B 146 17.69 -2.87 22.31
CA TRP B 146 19.07 -2.99 21.76
C TRP B 146 19.12 -4.20 20.83
N GLU B 147 19.45 -3.97 19.56
CA GLU B 147 19.48 -5.03 18.54
C GLU B 147 20.85 -5.71 18.62
N GLU B 148 20.84 -7.04 18.61
CA GLU B 148 22.03 -7.93 18.63
C GLU B 148 21.88 -8.91 17.49
N ILE B 149 22.98 -9.26 16.80
CA ILE B 149 23.00 -10.32 15.76
C ILE B 149 23.52 -11.61 16.41
N ARG B 150 22.62 -12.56 16.66
CA ARG B 150 22.94 -13.94 17.09
C ARG B 150 23.20 -14.76 15.83
N PHE B 151 24.34 -15.44 15.80
CA PHE B 151 24.78 -16.29 14.66
C PHE B 151 24.39 -17.74 14.93
N ARG B 152 23.86 -18.43 13.91
CA ARG B 152 23.68 -19.90 13.94
C ARG B 152 25.07 -20.53 14.07
N GLU B 153 25.14 -21.85 14.24
CA GLU B 153 26.37 -22.60 14.58
C GLU B 153 27.31 -22.63 13.36
N LYS B 154 28.62 -22.44 13.58
CA LYS B 154 29.68 -22.35 12.55
C LYS B 154 29.34 -21.28 11.50
N SER B 155 28.66 -20.21 11.93
CA SER B 155 28.24 -19.08 11.08
C SER B 155 28.87 -17.78 11.61
N GLY B 156 28.87 -16.76 10.78
CA GLY B 156 29.37 -15.43 11.14
C GLY B 156 29.36 -14.52 9.92
N VAL B 157 30.40 -13.72 9.77
CA VAL B 157 30.44 -12.60 8.81
C VAL B 157 31.85 -12.52 8.22
N TYR B 158 31.95 -12.16 6.93
CA TYR B 158 33.23 -12.07 6.18
C TYR B 158 33.20 -10.83 5.27
N PHE B 159 34.36 -10.32 4.87
CA PHE B 159 34.45 -9.28 3.81
C PHE B 159 35.57 -9.66 2.84
N LEU B 160 35.53 -9.06 1.65
CA LEU B 160 36.48 -9.34 0.56
C LEU B 160 37.50 -8.20 0.51
N TYR B 161 38.77 -8.55 0.28
CA TYR B 161 39.89 -7.62 -0.03
C TYR B 161 40.37 -7.89 -1.45
N SER B 162 40.54 -6.82 -2.23
CA SER B 162 41.11 -6.83 -3.59
C SER B 162 42.28 -5.83 -3.62
N GLY B 163 43.47 -6.27 -4.04
CA GLY B 163 44.66 -5.41 -4.16
C GLY B 163 45.96 -6.16 -3.86
N PRO B 164 47.09 -5.43 -3.77
CA PRO B 164 48.38 -6.06 -3.45
C PRO B 164 48.37 -6.83 -2.13
N ARG B 165 49.04 -7.99 -2.09
CA ARG B 165 49.18 -8.85 -0.89
C ARG B 165 49.93 -8.09 0.21
N GLU B 166 50.87 -7.21 -0.16
CA GLU B 166 51.76 -6.48 0.79
C GLU B 166 50.94 -5.45 1.58
N VAL B 167 49.90 -4.86 0.99
CA VAL B 167 48.94 -3.94 1.69
C VAL B 167 48.11 -4.78 2.67
N PHE B 168 47.70 -5.97 2.26
CA PHE B 168 46.95 -6.91 3.13
C PHE B 168 47.82 -7.33 4.32
N ASP B 169 49.02 -7.85 4.06
CA ASP B 169 49.93 -8.40 5.12
C ASP B 169 50.33 -7.26 6.08
N GLY B 170 50.57 -6.06 5.54
CA GLY B 170 51.18 -4.93 6.27
C GLY B 170 50.15 -4.05 6.97
N TYR B 171 48.89 -4.07 6.55
CA TYR B 171 47.84 -3.16 7.10
C TYR B 171 46.57 -3.95 7.49
N ILE B 172 45.95 -4.72 6.59
CA ILE B 172 44.59 -5.30 6.82
C ILE B 172 44.67 -6.41 7.87
N ALA B 173 45.55 -7.38 7.65
CA ALA B 173 45.75 -8.56 8.55
C ALA B 173 46.03 -8.09 9.98
N PRO B 174 47.06 -7.25 10.22
CA PRO B 174 47.37 -6.79 11.59
C PRO B 174 46.25 -5.95 12.23
N ALA B 175 45.57 -5.12 11.44
CA ALA B 175 44.41 -4.32 11.88
C ALA B 175 43.32 -5.26 12.40
N MET B 176 43.04 -6.35 11.68
CA MET B 176 41.89 -7.26 11.94
C MET B 176 42.13 -8.08 13.21
N ARG B 177 43.38 -8.49 13.47
CA ARG B 177 43.74 -9.26 14.69
C ARG B 177 43.60 -8.37 15.92
N PHE B 178 44.15 -7.15 15.85
CA PHE B 178 44.00 -6.09 16.89
C PHE B 178 42.51 -5.88 17.19
N LEU B 179 41.67 -5.89 16.15
CA LEU B 179 40.22 -5.58 16.26
C LEU B 179 39.47 -6.75 16.89
N GLY B 180 39.92 -7.99 16.65
CA GLY B 180 39.39 -9.21 17.27
C GLY B 180 39.59 -9.21 18.78
N ASP B 181 40.66 -8.59 19.27
CA ASP B 181 41.02 -8.47 20.72
C ASP B 181 41.29 -9.86 21.29
N LEU B 194 33.34 -9.23 19.69
CA LEU B 194 34.60 -10.02 19.87
C LEU B 194 34.60 -11.21 18.91
N PHE B 195 35.73 -11.45 18.24
CA PHE B 195 35.85 -12.43 17.13
C PHE B 195 37.30 -12.89 16.97
N GLU B 196 37.47 -14.06 16.35
CA GLU B 196 38.75 -14.57 15.78
C GLU B 196 38.71 -14.35 14.27
N VAL B 197 39.87 -14.42 13.62
CA VAL B 197 40.04 -14.06 12.18
C VAL B 197 40.74 -15.23 11.48
N GLU B 198 40.25 -15.62 10.31
CA GLU B 198 40.99 -16.53 9.41
C GLU B 198 40.77 -16.03 7.97
N PHE B 199 41.73 -16.32 7.09
CA PHE B 199 41.78 -15.81 5.69
C PHE B 199 41.65 -16.99 4.73
N HIS B 200 40.94 -16.77 3.61
CA HIS B 200 40.70 -17.77 2.54
C HIS B 200 40.67 -17.10 1.18
N GLU B 201 41.06 -17.83 0.14
CA GLU B 201 40.92 -17.40 -1.27
C GLU B 201 39.45 -17.61 -1.67
N MET B 202 38.84 -16.62 -2.32
CA MET B 202 37.47 -16.73 -2.88
C MET B 202 37.51 -16.30 -4.35
N LYS B 203 36.99 -17.14 -5.24
CA LYS B 203 36.82 -16.84 -6.68
C LYS B 203 35.37 -16.47 -6.93
N ILE B 204 35.13 -15.31 -7.55
CA ILE B 204 33.79 -14.86 -8.03
C ILE B 204 33.87 -14.71 -9.55
N ASP B 205 33.21 -15.60 -10.28
CA ASP B 205 33.04 -15.52 -11.75
C ASP B 205 32.01 -14.42 -12.04
N ALA B 206 32.43 -13.34 -12.71
CA ALA B 206 31.59 -12.18 -13.12
C ALA B 206 31.79 -11.91 -14.61
N PRO B 207 30.71 -11.61 -15.37
CA PRO B 207 30.85 -11.32 -16.79
C PRO B 207 31.53 -9.96 -16.98
N GLY B 208 32.30 -9.82 -18.07
CA GLY B 208 32.78 -8.51 -18.56
C GLY B 208 31.59 -7.69 -19.03
N SER B 209 31.58 -6.39 -18.72
CA SER B 209 30.39 -5.51 -18.88
C SER B 209 30.77 -4.06 -18.63
N GLU B 210 30.06 -3.14 -19.29
CA GLU B 210 30.12 -1.67 -19.04
C GLU B 210 29.61 -1.37 -17.62
N TYR B 211 28.75 -2.23 -17.05
CA TYR B 211 27.99 -2.00 -15.80
C TYR B 211 28.59 -2.87 -14.69
N SER B 212 28.55 -2.41 -13.43
CA SER B 212 29.02 -3.17 -12.24
C SER B 212 28.02 -3.08 -11.08
N VAL B 213 28.01 -4.12 -10.22
CA VAL B 213 27.45 -4.10 -8.83
C VAL B 213 28.58 -3.70 -7.87
N THR B 214 28.28 -2.94 -6.82
CA THR B 214 29.18 -2.75 -5.66
C THR B 214 28.85 -3.73 -4.55
N LEU B 215 29.89 -4.41 -4.04
CA LEU B 215 29.84 -5.25 -2.83
C LEU B 215 30.11 -4.38 -1.60
N SER B 216 30.34 -3.08 -1.79
CA SER B 216 30.54 -2.09 -0.71
C SER B 216 29.49 -0.98 -0.84
N ASN B 217 29.08 -0.37 0.28
CA ASN B 217 28.36 0.92 0.23
C ASN B 217 29.37 1.94 -0.29
N ALA B 218 28.89 2.99 -0.95
CA ALA B 218 29.72 3.86 -1.81
C ALA B 218 29.14 5.28 -1.83
N LEU B 219 30.05 6.26 -1.84
CA LEU B 219 29.76 7.69 -2.16
C LEU B 219 29.98 7.86 -3.66
N PRO B 220 28.92 7.86 -4.49
CA PRO B 220 29.09 7.86 -5.94
C PRO B 220 29.61 9.23 -6.45
N THR B 221 30.25 9.23 -7.61
CA THR B 221 30.77 10.46 -8.30
C THR B 221 29.92 10.77 -9.54
N LYS B 222 29.17 9.77 -10.02
CA LYS B 222 28.17 9.88 -11.12
C LYS B 222 26.80 9.52 -10.54
N THR B 223 25.69 9.83 -11.23
CA THR B 223 24.35 9.28 -10.88
C THR B 223 24.39 7.81 -11.27
N PRO B 224 23.94 6.87 -10.41
CA PRO B 224 24.02 5.44 -10.71
C PRO B 224 22.91 4.98 -11.67
N VAL B 225 22.91 3.69 -12.01
CA VAL B 225 21.87 3.07 -12.89
C VAL B 225 20.67 2.67 -12.02
N LEU B 226 20.89 1.75 -11.08
CA LEU B 226 19.89 1.29 -10.08
C LEU B 226 20.54 1.38 -8.70
N TRP B 227 19.77 1.72 -7.67
CA TRP B 227 20.32 1.95 -6.32
C TRP B 227 19.23 1.93 -5.25
N ARG B 228 19.64 1.63 -4.02
CA ARG B 228 18.94 1.97 -2.75
C ARG B 228 19.81 2.98 -2.00
N LEU B 229 19.21 4.02 -1.44
CA LEU B 229 19.92 5.03 -0.61
C LEU B 229 20.11 4.47 0.80
N LEU B 230 21.04 5.10 1.52
CA LEU B 230 21.54 4.66 2.85
C LEU B 230 22.05 5.92 3.55
N ARG B 231 21.25 6.49 4.46
CA ARG B 231 21.52 7.77 5.18
C ARG B 231 22.34 7.47 6.44
N LYS B 232 23.46 8.18 6.64
CA LYS B 232 24.29 8.11 7.89
C LYS B 232 24.80 9.50 8.24
N ARG B 243 26.11 14.19 8.22
CA ARG B 243 25.23 13.15 7.61
C ARG B 243 25.66 12.91 6.15
N MET B 244 25.82 11.64 5.79
CA MET B 244 26.36 11.15 4.49
C MET B 244 25.26 10.37 3.74
N THR B 245 25.18 10.52 2.42
CA THR B 245 24.24 9.75 1.55
C THR B 245 25.05 8.76 0.70
N PHE B 246 24.97 7.48 1.06
CA PHE B 246 25.60 6.33 0.37
C PHE B 246 24.57 5.62 -0.51
N ILE B 247 25.03 4.95 -1.57
CA ILE B 247 24.26 3.87 -2.26
C ILE B 247 24.60 2.54 -1.60
N ALA B 248 23.63 1.63 -1.54
CA ALA B 248 23.70 0.34 -0.82
C ALA B 248 24.44 -0.71 -1.65
N GLU B 249 25.01 -1.70 -0.94
CA GLU B 249 25.54 -2.96 -1.51
C GLU B 249 24.45 -3.56 -2.40
N GLY B 250 24.79 -3.88 -3.65
CA GLY B 250 23.84 -4.41 -4.63
C GLY B 250 23.45 -3.36 -5.66
N SER B 251 23.70 -2.08 -5.39
CA SER B 251 23.44 -0.96 -6.35
C SER B 251 24.24 -1.22 -7.63
N ILE B 252 23.84 -0.59 -8.74
CA ILE B 252 24.46 -0.80 -10.08
C ILE B 252 24.98 0.54 -10.55
N VAL B 253 26.24 0.56 -10.99
CA VAL B 253 26.95 1.80 -11.44
C VAL B 253 27.56 1.50 -12.82
N LYS B 254 27.89 2.55 -13.57
CA LYS B 254 28.65 2.45 -14.84
C LYS B 254 29.97 3.22 -14.69
N ASN B 255 31.06 2.52 -14.41
CA ASN B 255 32.41 3.11 -14.25
C ASN B 255 32.33 4.18 -13.15
N ASP B 256 31.87 3.79 -11.96
CA ASP B 256 31.92 4.66 -10.76
C ASP B 256 32.88 3.99 -9.77
N PRO B 257 34.08 4.57 -9.57
CA PRO B 257 35.04 4.04 -8.60
C PRO B 257 34.69 4.50 -7.16
N GLY B 258 33.74 5.42 -7.01
CA GLY B 258 33.37 6.02 -5.72
C GLY B 258 34.44 7.02 -5.29
N GLY B 259 34.49 7.34 -4.00
CA GLY B 259 35.47 8.30 -3.47
C GLY B 259 35.59 8.24 -1.95
N MET B 260 36.72 8.73 -1.42
CA MET B 260 36.95 8.88 0.03
C MET B 260 36.82 10.37 0.37
N GLU B 261 36.40 10.66 1.61
CA GLU B 261 36.35 12.03 2.16
C GLU B 261 37.23 12.12 3.40
N ARG B 262 38.25 12.97 3.33
CA ARG B 262 38.93 13.57 4.51
C ARG B 262 38.01 14.66 5.04
N LEU B 263 37.82 14.78 6.36
CA LEU B 263 37.06 15.90 6.97
C LEU B 263 37.50 16.13 8.42
N GLU B 264 37.28 17.35 8.91
CA GLU B 264 37.79 17.85 10.23
C GLU B 264 36.61 18.01 11.20
N LEU B 265 36.59 17.18 12.25
CA LEU B 265 35.60 17.21 13.35
C LEU B 265 36.25 17.70 14.66
N GLY B 266 37.43 18.34 14.56
CA GLY B 266 38.14 18.96 15.70
C GLY B 266 38.83 17.96 16.61
N LEU B 267 38.79 16.66 16.27
CA LEU B 267 39.16 15.54 17.17
C LEU B 267 40.58 15.05 16.86
N SER B 268 41.58 15.92 16.99
CA SER B 268 43.00 15.65 16.63
C SER B 268 43.08 15.25 15.15
N HIS B 269 43.45 13.99 14.86
CA HIS B 269 43.65 13.44 13.49
C HIS B 269 42.53 13.87 12.54
N GLU B 270 42.87 14.05 11.26
CA GLU B 270 41.92 14.03 10.11
C GLU B 270 41.19 12.68 10.11
N VAL B 271 39.87 12.68 9.82
CA VAL B 271 39.09 11.42 9.65
C VAL B 271 38.83 11.17 8.16
N TYR B 272 39.14 9.97 7.70
CA TYR B 272 38.85 9.48 6.33
C TYR B 272 37.55 8.67 6.35
N VAL B 273 36.65 8.97 5.41
CA VAL B 273 35.36 8.23 5.20
C VAL B 273 35.47 7.46 3.87
N TYR B 274 35.33 6.15 3.96
CA TYR B 274 35.47 5.19 2.83
C TYR B 274 34.12 5.07 2.11
N GLY B 275 34.13 5.35 0.80
CA GLY B 275 32.96 5.16 -0.08
C GLY B 275 33.38 4.76 -1.48
N LEU B 276 34.45 3.97 -1.60
CA LEU B 276 34.91 3.44 -2.90
C LEU B 276 34.04 2.24 -3.27
N THR B 277 33.85 2.00 -4.55
CA THR B 277 33.03 0.89 -5.11
C THR B 277 33.88 -0.38 -5.12
N PHE B 278 33.25 -1.53 -4.88
CA PHE B 278 33.83 -2.88 -5.08
C PHE B 278 33.12 -3.52 -6.27
N PRO B 279 33.51 -3.16 -7.52
CA PRO B 279 32.75 -3.55 -8.70
C PRO B 279 32.96 -5.00 -9.15
N LEU B 280 31.85 -5.70 -9.41
CA LEU B 280 31.81 -6.93 -10.23
C LEU B 280 30.89 -6.64 -11.42
N GLY B 281 31.34 -6.99 -12.63
CA GLY B 281 30.58 -6.83 -13.88
C GLY B 281 29.21 -7.47 -13.74
N VAL B 282 28.21 -6.88 -14.40
CA VAL B 282 26.77 -7.29 -14.25
C VAL B 282 26.06 -7.07 -15.59
N GLU B 283 25.35 -8.08 -16.09
CA GLU B 283 24.51 -7.99 -17.31
C GLU B 283 23.20 -7.29 -16.91
N LEU B 284 22.77 -6.27 -17.65
CA LEU B 284 21.47 -5.58 -17.43
C LEU B 284 20.47 -6.01 -18.50
N PRO B 285 19.16 -5.97 -18.17
CA PRO B 285 18.11 -5.98 -19.18
C PRO B 285 17.92 -4.55 -19.72
N GLU B 286 17.60 -4.41 -21.01
CA GLU B 286 17.35 -3.10 -21.66
C GLU B 286 15.98 -2.57 -21.20
N GLY B 287 15.98 -1.52 -20.38
CA GLY B 287 14.77 -0.96 -19.72
C GLY B 287 14.74 0.56 -19.81
#